data_5HKI
#
_entry.id   5HKI
#
_cell.length_a   52.421
_cell.length_b   60.262
_cell.length_c   65.181
_cell.angle_alpha   85.64
_cell.angle_beta   89.90
_cell.angle_gamma   79.96
#
_symmetry.space_group_name_H-M   'P 1'
#
loop_
_entity.id
_entity.type
_entity.pdbx_description
1 polymer 'Orotate phosphoribosyltransferase'
2 non-polymer 'Iron(III) dicitrate'
3 water water
#
_entity_poly.entity_id   1
_entity_poly.type   'polypeptide(L)'
_entity_poly.pdbx_seq_one_letter_code
;HHHHHIEGRHMAGPDRAELAELVRRLSVVHGRVTLSSGREADYYVDLRRATLHHRASALIGRLMRELTADWDYSVVGGLT
LGADPVATAIMHAPGRPIDAFVVRKSAKAHGMQRLIEGSEVTGQRVLVVEDTSTTGNSALTAVHAVQDVGGEVVGVATVV
DRATGAAEAIEAEGLRYRSVLGLADLGLD
;
_entity_poly.pdbx_strand_id   A,B,C,D
#
loop_
_chem_comp.id
_chem_comp.type
_chem_comp.name
_chem_comp.formula
6ZJ non-polymer 'Iron(III) dicitrate' 'C12 H10 Fe O14'
#
# COMPACT_ATOMS: atom_id res chain seq x y z
N PRO A 14 -6.47 0.09 -26.18
CA PRO A 14 -5.25 0.76 -25.75
C PRO A 14 -4.21 -0.13 -25.07
N ASP A 15 -4.66 -1.15 -24.34
CA ASP A 15 -3.79 -2.08 -23.63
C ASP A 15 -2.98 -2.93 -24.57
N ARG A 16 -3.66 -3.57 -25.51
CA ARG A 16 -2.98 -4.42 -26.50
C ARG A 16 -1.91 -3.59 -27.21
N ALA A 17 -2.28 -2.41 -27.65
CA ALA A 17 -1.32 -1.47 -28.27
C ALA A 17 -0.28 -0.99 -27.28
N GLU A 18 -0.65 -0.68 -26.03
CA GLU A 18 0.37 -0.29 -25.06
C GLU A 18 1.37 -1.45 -24.87
N LEU A 19 0.87 -2.69 -24.79
CA LEU A 19 1.75 -3.83 -24.57
C LEU A 19 2.63 -4.04 -25.79
N ALA A 20 1.98 -4.02 -26.96
CA ALA A 20 2.59 -4.33 -28.24
C ALA A 20 3.78 -3.46 -28.47
N GLU A 21 3.64 -2.18 -28.15
CA GLU A 21 4.73 -1.22 -28.22
C GLU A 21 5.86 -1.55 -27.23
N LEU A 22 5.55 -1.75 -25.94
CA LEU A 22 6.53 -2.14 -24.92
C LEU A 22 7.28 -3.45 -25.35
N VAL A 23 6.57 -4.41 -25.95
CA VAL A 23 7.24 -5.64 -26.41
C VAL A 23 8.26 -5.28 -27.49
N ARG A 24 7.82 -4.53 -28.49
CA ARG A 24 8.75 -4.02 -29.48
C ARG A 24 9.95 -3.34 -28.86
N ARG A 25 9.75 -2.42 -27.93
CA ARG A 25 10.87 -1.64 -27.40
C ARG A 25 11.78 -2.46 -26.49
N LEU A 26 11.17 -3.30 -25.67
CA LEU A 26 11.91 -3.98 -24.60
C LEU A 26 12.52 -5.28 -25.10
N SER A 27 11.76 -6.01 -25.93
CA SER A 27 12.08 -7.37 -26.34
C SER A 27 12.66 -7.57 -27.73
N VAL A 28 12.51 -6.63 -28.65
CA VAL A 28 13.19 -6.74 -29.96
C VAL A 28 14.51 -6.01 -29.81
N VAL A 29 15.60 -6.76 -29.68
CA VAL A 29 16.89 -6.20 -29.37
C VAL A 29 17.67 -6.08 -30.68
N HIS A 30 17.71 -4.86 -31.19
CA HIS A 30 18.40 -4.55 -32.46
C HIS A 30 19.90 -4.47 -32.21
N GLY A 31 20.66 -5.00 -33.15
CA GLY A 31 22.09 -5.04 -33.01
C GLY A 31 22.62 -6.27 -33.66
N ARG A 32 23.79 -6.15 -34.25
CA ARG A 32 24.39 -7.23 -35.01
C ARG A 32 25.19 -8.14 -34.10
N VAL A 33 25.06 -9.44 -34.36
CA VAL A 33 25.54 -10.49 -33.49
C VAL A 33 25.99 -11.67 -34.35
N THR A 34 27.16 -12.21 -34.03
CA THR A 34 27.62 -13.41 -34.65
C THR A 34 27.21 -14.66 -33.80
N LEU A 35 26.30 -15.49 -34.32
CA LEU A 35 25.81 -16.69 -33.61
C LEU A 35 26.91 -17.73 -33.64
N SER A 36 26.76 -18.79 -32.84
CA SER A 36 27.77 -19.90 -32.78
C SER A 36 28.07 -20.55 -34.14
N SER A 37 27.04 -20.58 -35.00
CA SER A 37 27.14 -21.03 -36.38
C SER A 37 28.02 -20.16 -37.29
N GLY A 38 28.21 -18.88 -36.96
CA GLY A 38 28.96 -17.99 -37.82
C GLY A 38 28.04 -17.12 -38.63
N ARG A 39 26.75 -17.48 -38.74
CA ARG A 39 25.73 -16.57 -39.27
C ARG A 39 25.62 -15.32 -38.41
N GLU A 40 25.22 -14.25 -39.04
CA GLU A 40 24.91 -13.01 -38.36
C GLU A 40 23.41 -12.75 -38.37
N ALA A 41 22.90 -12.27 -37.24
CA ALA A 41 21.56 -11.74 -37.16
C ALA A 41 21.61 -10.25 -36.80
N ASP A 42 20.65 -9.50 -37.31
CA ASP A 42 20.47 -8.06 -37.00
C ASP A 42 19.69 -7.79 -35.74
N TYR A 43 19.05 -8.80 -35.17
CA TYR A 43 18.21 -8.60 -34.00
C TYR A 43 17.98 -9.98 -33.33
N TYR A 44 17.45 -9.98 -32.10
CA TYR A 44 16.88 -11.20 -31.52
C TYR A 44 15.76 -10.79 -30.58
N VAL A 45 14.96 -11.77 -30.21
CA VAL A 45 13.71 -11.54 -29.51
C VAL A 45 13.90 -12.09 -28.12
N ASP A 46 14.00 -11.21 -27.14
CA ASP A 46 14.09 -11.58 -25.73
C ASP A 46 12.82 -11.14 -24.99
N LEU A 47 11.88 -12.07 -24.86
CA LEU A 47 10.60 -11.74 -24.22
C LEU A 47 10.72 -11.55 -22.72
N ARG A 48 11.72 -12.19 -22.10
CA ARG A 48 11.97 -12.03 -20.65
C ARG A 48 12.13 -10.57 -20.25
N ARG A 49 12.49 -9.73 -21.21
CA ARG A 49 12.63 -8.29 -20.95
C ARG A 49 11.31 -7.56 -20.75
N ALA A 50 10.22 -8.08 -21.33
CA ALA A 50 8.90 -7.54 -21.11
C ALA A 50 8.24 -8.28 -19.92
N THR A 51 8.28 -9.62 -19.91
CA THR A 51 7.60 -10.40 -18.85
C THR A 51 8.07 -10.04 -17.44
N LEU A 52 9.30 -9.52 -17.32
CA LEU A 52 9.89 -9.01 -16.06
C LEU A 52 9.94 -7.46 -15.91
N HIS A 53 9.15 -6.75 -16.71
CA HIS A 53 9.05 -5.30 -16.66
C HIS A 53 7.74 -4.94 -15.93
N HIS A 54 7.80 -3.93 -15.07
CA HIS A 54 6.66 -3.60 -14.16
C HIS A 54 5.36 -3.39 -14.97
N ARG A 55 5.45 -2.61 -16.05
CA ARG A 55 4.28 -2.25 -16.83
C ARG A 55 3.85 -3.33 -17.83
N ALA A 56 4.78 -3.83 -18.61
CA ALA A 56 4.46 -4.82 -19.63
C ALA A 56 3.88 -6.04 -18.96
N SER A 57 4.41 -6.42 -17.80
CA SER A 57 3.90 -7.60 -17.07
C SER A 57 2.49 -7.42 -16.53
N ALA A 58 2.20 -6.26 -15.96
CA ALA A 58 0.82 -6.02 -15.51
C ALA A 58 -0.15 -6.06 -16.72
N LEU A 59 0.29 -5.62 -17.90
CA LEU A 59 -0.55 -5.75 -19.11
C LEU A 59 -0.65 -7.18 -19.56
N ILE A 60 0.44 -7.88 -19.53
CA ILE A 60 0.39 -9.30 -19.87
C ILE A 60 -0.65 -10.02 -19.00
N GLY A 61 -0.53 -9.85 -17.68
CA GLY A 61 -1.52 -10.43 -16.73
C GLY A 61 -2.99 -10.19 -17.07
N ARG A 62 -3.34 -8.89 -17.20
CA ARG A 62 -4.68 -8.44 -17.63
C ARG A 62 -5.18 -9.08 -18.94
N LEU A 63 -4.37 -8.94 -19.99
CA LEU A 63 -4.71 -9.38 -21.36
C LEU A 63 -4.81 -10.89 -21.50
N MET A 64 -3.94 -11.64 -20.84
CA MET A 64 -4.05 -13.12 -20.84
C MET A 64 -5.27 -13.59 -20.08
N ARG A 65 -5.72 -12.84 -19.07
CA ARG A 65 -7.00 -13.14 -18.40
C ARG A 65 -8.18 -12.95 -19.37
N GLU A 66 -8.23 -11.80 -20.04
CA GLU A 66 -9.27 -11.53 -21.03
C GLU A 66 -9.24 -12.54 -22.18
N LEU A 67 -8.06 -12.83 -22.71
CA LEU A 67 -7.86 -13.81 -23.78
C LEU A 67 -8.49 -15.17 -23.46
N THR A 68 -8.36 -15.60 -22.20
CA THR A 68 -8.81 -16.90 -21.76
C THR A 68 -10.04 -16.82 -20.84
N ALA A 69 -10.81 -15.73 -20.91
CA ALA A 69 -11.88 -15.49 -19.93
C ALA A 69 -13.01 -16.54 -20.00
N ASP A 70 -13.21 -17.09 -21.19
CA ASP A 70 -14.21 -18.12 -21.46
C ASP A 70 -13.70 -19.54 -21.14
N TRP A 71 -12.46 -19.69 -20.65
CA TRP A 71 -11.98 -21.02 -20.19
C TRP A 71 -12.11 -21.21 -18.68
N ASP A 72 -12.27 -22.47 -18.30
CA ASP A 72 -12.59 -22.80 -16.93
C ASP A 72 -11.34 -23.38 -16.31
N TYR A 73 -10.60 -22.55 -15.56
CA TYR A 73 -9.40 -23.02 -14.85
C TYR A 73 -9.14 -22.30 -13.52
N SER A 74 -8.63 -23.05 -12.55
CA SER A 74 -8.28 -22.51 -11.23
C SER A 74 -6.74 -22.30 -11.04
N VAL A 75 -5.94 -22.75 -11.98
CA VAL A 75 -4.50 -22.78 -11.79
C VAL A 75 -3.83 -22.42 -13.14
N VAL A 76 -2.75 -21.63 -13.09
CA VAL A 76 -2.01 -21.25 -14.30
C VAL A 76 -0.54 -21.53 -14.08
N GLY A 77 0.16 -21.91 -15.12
CA GLY A 77 1.57 -22.32 -14.97
C GLY A 77 2.20 -22.77 -16.25
N GLY A 78 3.51 -22.95 -16.24
CA GLY A 78 4.21 -23.51 -17.40
C GLY A 78 5.63 -23.94 -17.09
N LEU A 79 6.50 -23.96 -18.10
CA LEU A 79 7.83 -24.56 -17.99
C LEU A 79 8.79 -23.44 -17.73
N THR A 80 9.53 -23.55 -16.62
CA THR A 80 10.54 -22.57 -16.20
C THR A 80 11.61 -22.39 -17.28
N LEU A 81 12.09 -21.16 -17.53
CA LEU A 81 11.74 -19.89 -16.87
C LEU A 81 10.76 -19.05 -17.69
N GLY A 82 10.44 -19.45 -18.93
CA GLY A 82 9.69 -18.59 -19.84
C GLY A 82 8.22 -18.48 -19.48
N ALA A 83 7.79 -19.28 -18.51
CA ALA A 83 6.42 -19.28 -18.07
C ALA A 83 6.20 -18.60 -16.71
N ASP A 84 7.14 -18.75 -15.75
CA ASP A 84 6.97 -18.20 -14.37
C ASP A 84 6.44 -16.76 -14.34
N PRO A 85 7.16 -15.81 -14.95
CA PRO A 85 6.72 -14.42 -14.84
C PRO A 85 5.32 -14.23 -15.44
N VAL A 86 4.97 -14.97 -16.52
CA VAL A 86 3.64 -14.84 -17.14
C VAL A 86 2.53 -15.37 -16.23
N ALA A 87 2.70 -16.58 -15.74
CA ALA A 87 1.83 -17.18 -14.78
C ALA A 87 1.65 -16.29 -13.54
N THR A 88 2.73 -15.74 -12.99
CA THR A 88 2.54 -14.92 -11.78
C THR A 88 1.79 -13.60 -12.13
N ALA A 89 2.04 -13.06 -13.33
CA ALA A 89 1.37 -11.88 -13.81
C ALA A 89 -0.12 -12.09 -13.86
N ILE A 90 -0.52 -13.24 -14.40
CA ILE A 90 -1.94 -13.65 -14.45
C ILE A 90 -2.47 -13.82 -13.04
N MET A 91 -1.71 -14.50 -12.18
CA MET A 91 -2.13 -14.68 -10.78
C MET A 91 -2.36 -13.34 -10.09
N HIS A 92 -1.43 -12.40 -10.24
CA HIS A 92 -1.54 -11.08 -9.57
C HIS A 92 -2.52 -10.07 -10.20
N ALA A 93 -2.97 -10.33 -11.43
CA ALA A 93 -3.79 -9.36 -12.16
C ALA A 93 -5.20 -9.36 -11.54
N PRO A 94 -5.95 -8.23 -11.63
CA PRO A 94 -7.31 -8.12 -11.05
C PRO A 94 -8.30 -9.16 -11.54
N GLY A 95 -9.06 -9.74 -10.61
CA GLY A 95 -10.15 -10.65 -10.96
C GLY A 95 -10.28 -11.78 -10.00
N ARG A 96 -11.04 -12.77 -10.39
CA ARG A 96 -11.22 -14.00 -9.58
C ARG A 96 -9.88 -14.65 -9.20
N PRO A 97 -9.84 -15.39 -8.09
CA PRO A 97 -8.58 -16.04 -7.70
C PRO A 97 -8.10 -17.12 -8.66
N ILE A 98 -6.83 -17.05 -8.99
CA ILE A 98 -6.15 -18.02 -9.82
C ILE A 98 -4.79 -18.20 -9.18
N ASP A 99 -4.45 -19.43 -8.83
CA ASP A 99 -3.11 -19.76 -8.29
C ASP A 99 -2.11 -20.14 -9.40
N ALA A 100 -0.84 -20.30 -9.04
CA ALA A 100 0.17 -20.61 -10.07
C ALA A 100 1.01 -21.84 -9.79
N PHE A 101 1.71 -22.29 -10.82
CA PHE A 101 2.65 -23.40 -10.68
C PHE A 101 3.75 -23.28 -11.72
N VAL A 102 4.89 -23.89 -11.44
CA VAL A 102 6.02 -23.97 -12.36
C VAL A 102 6.44 -25.44 -12.58
N VAL A 103 6.50 -25.88 -13.82
CA VAL A 103 7.02 -27.20 -14.15
C VAL A 103 8.53 -27.10 -14.24
N ARG A 104 9.22 -27.94 -13.50
CA ARG A 104 10.68 -27.93 -13.52
C ARG A 104 11.17 -28.81 -14.64
N LYS A 105 12.48 -28.75 -14.84
CA LYS A 105 13.16 -29.61 -15.80
C LYS A 105 13.68 -30.86 -15.09
N SER A 106 13.97 -30.77 -13.79
CA SER A 106 14.31 -31.95 -13.00
C SER A 106 13.40 -32.08 -11.74
N ALA A 107 13.50 -33.21 -11.06
CA ALA A 107 12.53 -33.59 -10.03
C ALA A 107 12.91 -33.00 -8.65
N LYS A 108 11.99 -32.29 -8.01
CA LYS A 108 12.12 -31.92 -6.57
C LYS A 108 12.46 -33.14 -5.71
N ALA A 109 13.07 -32.87 -4.55
CA ALA A 109 13.31 -33.90 -3.54
C ALA A 109 12.04 -34.43 -2.82
N HIS A 110 10.95 -33.67 -2.85
CA HIS A 110 9.77 -33.92 -1.99
C HIS A 110 8.42 -33.80 -2.70
N GLY A 111 7.41 -34.46 -2.09
CA GLY A 111 6.01 -34.30 -2.49
C GLY A 111 5.51 -35.26 -3.56
N MET A 112 4.24 -35.12 -3.90
CA MET A 112 3.54 -36.02 -4.81
C MET A 112 3.35 -35.50 -6.25
N GLN A 113 3.98 -34.37 -6.54
CA GLN A 113 4.08 -33.84 -7.90
C GLN A 113 5.48 -33.19 -8.06
N ARG A 114 6.47 -34.09 -8.18
CA ARG A 114 7.90 -33.76 -8.13
C ARG A 114 8.47 -32.81 -9.20
N LEU A 115 7.79 -32.70 -10.34
CA LEU A 115 8.20 -31.77 -11.40
C LEU A 115 7.46 -30.44 -11.33
N ILE A 116 6.55 -30.27 -10.38
CA ILE A 116 5.66 -29.13 -10.38
C ILE A 116 5.79 -28.38 -9.06
N GLU A 117 6.41 -27.22 -9.12
CA GLU A 117 6.50 -26.35 -7.99
C GLU A 117 5.20 -25.58 -7.89
N GLY A 118 4.84 -25.28 -6.66
CA GLY A 118 3.74 -24.38 -6.39
C GLY A 118 2.49 -25.11 -5.99
N SER A 119 1.37 -24.71 -6.61
CA SER A 119 0.06 -25.14 -6.20
C SER A 119 -0.13 -26.59 -6.64
N GLU A 120 -1.08 -27.26 -5.97
CA GLU A 120 -1.45 -28.62 -6.30
C GLU A 120 -2.25 -28.53 -7.58
N VAL A 121 -1.83 -29.25 -8.63
CA VAL A 121 -2.58 -29.34 -9.89
C VAL A 121 -3.41 -30.63 -10.05
N THR A 122 -3.19 -31.61 -9.18
CA THR A 122 -3.94 -32.88 -9.24
C THR A 122 -5.43 -32.59 -9.09
N GLY A 123 -6.21 -32.94 -10.12
CA GLY A 123 -7.65 -32.77 -10.04
C GLY A 123 -8.13 -31.36 -10.34
N GLN A 124 -7.26 -30.50 -10.85
CA GLN A 124 -7.66 -29.15 -11.25
C GLN A 124 -7.64 -29.03 -12.74
N ARG A 125 -8.42 -28.07 -13.20
CA ARG A 125 -8.40 -27.59 -14.54
C ARG A 125 -7.31 -26.54 -14.61
N VAL A 126 -6.39 -26.71 -15.56
CA VAL A 126 -5.14 -25.98 -15.64
C VAL A 126 -5.05 -25.21 -16.95
N LEU A 127 -4.63 -23.94 -16.90
CA LEU A 127 -4.17 -23.22 -18.09
C LEU A 127 -2.66 -23.36 -18.18
N VAL A 128 -2.14 -23.72 -19.35
CA VAL A 128 -0.68 -23.77 -19.58
C VAL A 128 -0.27 -22.54 -20.38
N VAL A 129 0.78 -21.84 -19.94
CA VAL A 129 1.21 -20.60 -20.58
C VAL A 129 2.67 -20.62 -20.89
N GLU A 130 3.02 -19.80 -21.88
CA GLU A 130 4.43 -19.49 -22.14
C GLU A 130 4.53 -18.10 -22.70
N ASP A 131 5.65 -17.41 -22.48
CA ASP A 131 5.88 -16.10 -23.12
C ASP A 131 5.84 -16.17 -24.66
N THR A 132 6.64 -17.06 -25.23
CA THR A 132 6.62 -17.32 -26.67
C THR A 132 7.20 -18.69 -27.00
N SER A 133 6.63 -19.32 -28.01
CA SER A 133 7.04 -20.67 -28.41
C SER A 133 7.43 -20.64 -29.89
N THR A 134 8.57 -21.27 -30.17
CA THR A 134 9.02 -21.54 -31.54
C THR A 134 8.35 -22.82 -32.05
N THR A 135 8.54 -23.92 -31.31
CA THR A 135 8.06 -25.27 -31.68
C THR A 135 6.82 -25.80 -30.90
N GLY A 136 6.54 -25.16 -29.76
CA GLY A 136 5.57 -25.67 -28.79
C GLY A 136 6.10 -26.84 -27.96
N ASN A 137 7.42 -27.07 -27.98
CA ASN A 137 8.06 -28.14 -27.20
C ASN A 137 7.87 -27.86 -25.71
N SER A 138 8.37 -26.72 -25.28
CA SER A 138 8.23 -26.30 -23.88
C SER A 138 6.78 -26.33 -23.36
N ALA A 139 5.83 -25.73 -24.06
CA ALA A 139 4.40 -25.79 -23.65
C ALA A 139 3.86 -27.22 -23.48
N LEU A 140 4.19 -28.08 -24.43
CA LEU A 140 3.73 -29.47 -24.39
C LEU A 140 4.44 -30.26 -23.30
N THR A 141 5.71 -29.94 -23.02
CA THR A 141 6.43 -30.50 -21.84
C THR A 141 5.63 -30.20 -20.52
N ALA A 142 5.19 -28.96 -20.34
CA ALA A 142 4.29 -28.62 -19.23
C ALA A 142 2.94 -29.35 -19.28
N VAL A 143 2.31 -29.36 -20.46
CA VAL A 143 1.01 -30.07 -20.62
C VAL A 143 1.09 -31.53 -20.11
N HIS A 144 2.05 -32.27 -20.64
CA HIS A 144 2.26 -33.67 -20.22
C HIS A 144 2.67 -33.79 -18.77
N ALA A 145 3.48 -32.88 -18.24
CA ALA A 145 3.86 -32.95 -16.80
C ALA A 145 2.63 -32.80 -15.94
N VAL A 146 1.76 -31.86 -16.27
CA VAL A 146 0.47 -31.66 -15.57
C VAL A 146 -0.43 -32.87 -15.78
N GLN A 147 -0.41 -33.40 -17.01
CA GLN A 147 -1.21 -34.58 -17.31
C GLN A 147 -0.83 -35.80 -16.50
N ASP A 148 0.48 -36.13 -16.50
CA ASP A 148 1.05 -37.26 -15.70
C ASP A 148 0.69 -37.27 -14.21
N VAL A 149 0.28 -36.12 -13.67
CA VAL A 149 -0.08 -35.98 -12.24
C VAL A 149 -1.61 -35.84 -12.04
N GLY A 150 -2.39 -35.80 -13.12
CA GLY A 150 -3.84 -35.85 -13.07
C GLY A 150 -4.52 -34.49 -13.13
N GLY A 151 -3.90 -33.55 -13.82
CA GLY A 151 -4.47 -32.27 -14.08
C GLY A 151 -5.04 -32.19 -15.49
N GLU A 152 -6.15 -31.49 -15.59
CA GLU A 152 -6.87 -31.30 -16.84
C GLU A 152 -6.34 -30.02 -17.46
N VAL A 153 -5.62 -30.13 -18.58
CA VAL A 153 -5.17 -28.91 -19.29
C VAL A 153 -6.29 -28.41 -20.20
N VAL A 154 -6.83 -27.24 -19.87
CA VAL A 154 -7.94 -26.67 -20.62
C VAL A 154 -7.53 -25.95 -21.91
N GLY A 155 -6.26 -25.69 -22.08
CA GLY A 155 -5.79 -24.93 -23.23
C GLY A 155 -4.39 -24.45 -22.95
N VAL A 156 -3.76 -23.89 -23.96
CA VAL A 156 -2.45 -23.28 -23.87
C VAL A 156 -2.60 -21.85 -24.37
N ALA A 157 -2.00 -20.90 -23.65
CA ALA A 157 -1.97 -19.49 -24.11
C ALA A 157 -0.60 -18.83 -23.97
N THR A 158 -0.31 -17.87 -24.86
CA THR A 158 1.01 -17.25 -24.98
C THR A 158 0.96 -15.76 -25.27
N VAL A 159 1.99 -15.04 -24.82
CA VAL A 159 2.06 -13.59 -25.03
C VAL A 159 2.28 -13.30 -26.53
N VAL A 160 3.30 -13.91 -27.13
CA VAL A 160 3.61 -13.75 -28.55
C VAL A 160 3.67 -15.07 -29.36
N ASP A 161 2.72 -15.27 -30.28
CA ASP A 161 2.86 -16.28 -31.38
C ASP A 161 3.90 -15.80 -32.40
N ARG A 162 4.78 -16.70 -32.83
CA ARG A 162 5.87 -16.38 -33.78
C ARG A 162 5.70 -17.10 -35.11
N ALA A 163 4.46 -17.56 -35.36
CA ALA A 163 4.04 -18.31 -36.55
C ALA A 163 5.04 -19.39 -37.04
N THR A 164 5.71 -20.08 -36.12
CA THR A 164 6.79 -21.03 -36.45
C THR A 164 6.38 -22.50 -36.29
N GLY A 165 5.09 -22.80 -36.14
CA GLY A 165 4.64 -24.21 -35.98
C GLY A 165 4.00 -24.55 -34.66
N ALA A 166 4.10 -23.66 -33.68
CA ALA A 166 3.63 -23.97 -32.31
C ALA A 166 2.15 -24.28 -32.28
N ALA A 167 1.33 -23.44 -32.93
CA ALA A 167 -0.14 -23.60 -32.90
C ALA A 167 -0.59 -24.97 -33.36
N GLU A 168 -0.02 -25.42 -34.47
CA GLU A 168 -0.40 -26.68 -35.13
C GLU A 168 0.08 -27.88 -34.32
N ALA A 169 1.25 -27.75 -33.70
CA ALA A 169 1.75 -28.75 -32.74
C ALA A 169 0.85 -28.89 -31.52
N ILE A 170 0.43 -27.77 -30.93
CA ILE A 170 -0.49 -27.82 -29.77
C ILE A 170 -1.89 -28.30 -30.20
N GLU A 171 -2.36 -27.83 -31.37
CA GLU A 171 -3.70 -28.23 -31.89
C GLU A 171 -3.74 -29.71 -32.24
N ALA A 172 -2.65 -30.24 -32.82
CA ALA A 172 -2.46 -31.69 -33.03
C ALA A 172 -2.71 -32.59 -31.79
N GLU A 173 -2.50 -32.09 -30.57
CA GLU A 173 -2.76 -32.91 -29.36
C GLU A 173 -4.10 -32.62 -28.70
N GLY A 174 -5.06 -32.08 -29.46
CA GLY A 174 -6.42 -31.84 -28.98
C GLY A 174 -6.61 -30.68 -28.00
N LEU A 175 -5.81 -29.61 -28.17
CA LEU A 175 -5.80 -28.49 -27.24
C LEU A 175 -5.90 -27.17 -27.96
N ARG A 176 -6.75 -26.28 -27.44
CA ARG A 176 -6.86 -24.89 -27.94
C ARG A 176 -5.50 -24.12 -27.74
N TYR A 177 -5.22 -23.18 -28.62
CA TYR A 177 -4.04 -22.31 -28.51
C TYR A 177 -4.46 -20.91 -28.81
N ARG A 178 -4.07 -19.97 -27.97
CA ARG A 178 -4.32 -18.54 -28.23
C ARG A 178 -3.14 -17.70 -27.84
N SER A 179 -3.02 -16.55 -28.49
CA SER A 179 -1.91 -15.67 -28.26
C SER A 179 -2.40 -14.26 -28.14
N VAL A 180 -1.74 -13.43 -27.35
CA VAL A 180 -2.15 -12.03 -27.27
C VAL A 180 -1.69 -11.31 -28.52
N LEU A 181 -0.42 -11.54 -28.87
CA LEU A 181 0.25 -10.83 -29.96
C LEU A 181 0.75 -11.78 -31.04
N GLY A 182 1.14 -11.22 -32.17
CA GLY A 182 1.58 -11.97 -33.35
C GLY A 182 2.85 -11.44 -33.94
N LEU A 183 3.27 -12.06 -35.05
CA LEU A 183 4.52 -11.67 -35.69
C LEU A 183 4.45 -10.18 -36.10
N ALA A 184 3.31 -9.76 -36.63
CA ALA A 184 3.11 -8.36 -37.09
C ALA A 184 3.31 -7.31 -35.99
N ASP A 185 2.91 -7.66 -34.77
CA ASP A 185 3.01 -6.77 -33.62
C ASP A 185 4.46 -6.55 -33.16
N LEU A 186 5.36 -7.45 -33.55
CA LEU A 186 6.77 -7.24 -33.27
C LEU A 186 7.45 -6.25 -34.25
N GLY A 187 6.74 -5.83 -35.30
CA GLY A 187 7.36 -5.18 -36.44
C GLY A 187 8.12 -6.25 -37.19
N LEU A 188 9.40 -5.96 -37.48
CA LEU A 188 10.29 -6.89 -38.20
C LEU A 188 9.97 -6.92 -39.69
N PRO B 14 -2.02 -7.17 10.74
CA PRO B 14 -2.87 -8.24 10.16
C PRO B 14 -2.28 -8.98 8.95
N ASP B 15 -1.73 -8.20 8.00
CA ASP B 15 -1.07 -8.73 6.80
C ASP B 15 0.01 -9.76 7.15
N ARG B 16 0.89 -9.40 8.08
CA ARG B 16 1.96 -10.29 8.52
C ARG B 16 1.41 -11.57 9.20
N ALA B 17 0.43 -11.39 10.07
CA ALA B 17 -0.26 -12.51 10.75
C ALA B 17 -0.99 -13.45 9.78
N GLU B 18 -1.66 -12.86 8.81
CA GLU B 18 -2.37 -13.64 7.82
C GLU B 18 -1.37 -14.40 6.88
N LEU B 19 -0.21 -13.81 6.57
CA LEU B 19 0.81 -14.48 5.72
C LEU B 19 1.40 -15.62 6.49
N ALA B 20 1.79 -15.35 7.73
CA ALA B 20 2.27 -16.38 8.65
C ALA B 20 1.37 -17.63 8.66
N GLU B 21 0.05 -17.41 8.76
CA GLU B 21 -0.93 -18.51 8.76
C GLU B 21 -1.01 -19.22 7.40
N LEU B 22 -0.97 -18.45 6.32
CA LEU B 22 -0.89 -19.08 4.97
C LEU B 22 0.41 -19.91 4.76
N VAL B 23 1.54 -19.42 5.27
CA VAL B 23 2.80 -20.14 5.17
C VAL B 23 2.80 -21.46 6.03
N ARG B 24 2.18 -21.44 7.23
CA ARG B 24 2.03 -22.66 8.03
C ARG B 24 1.13 -23.72 7.34
N ARG B 25 0.06 -23.24 6.76
CA ARG B 25 -0.99 -24.05 6.19
C ARG B 25 -0.61 -24.58 4.79
N LEU B 26 0.08 -23.77 4.00
CA LEU B 26 0.50 -24.15 2.61
C LEU B 26 1.88 -24.80 2.49
N SER B 27 2.80 -24.51 3.41
CA SER B 27 4.21 -24.76 3.18
C SER B 27 4.95 -25.54 4.22
N VAL B 28 4.45 -25.63 5.46
CA VAL B 28 5.14 -26.39 6.51
C VAL B 28 4.49 -27.77 6.55
N VAL B 29 5.19 -28.80 6.05
CA VAL B 29 4.69 -30.16 5.96
C VAL B 29 5.24 -30.99 7.11
N HIS B 30 4.37 -31.25 8.10
CA HIS B 30 4.72 -32.01 9.31
C HIS B 30 4.59 -33.48 9.06
N GLY B 31 5.57 -34.25 9.53
CA GLY B 31 5.52 -35.72 9.51
C GLY B 31 6.93 -36.22 9.24
N ARG B 32 7.24 -37.40 9.76
CA ARG B 32 8.50 -38.08 9.52
C ARG B 32 8.76 -38.11 8.03
N VAL B 33 9.94 -37.66 7.60
CA VAL B 33 10.23 -37.59 6.17
C VAL B 33 11.70 -37.85 5.97
N THR B 34 12.07 -38.48 4.87
CA THR B 34 13.48 -38.73 4.57
C THR B 34 13.98 -37.66 3.60
N LEU B 35 15.08 -37.04 3.97
CA LEU B 35 15.66 -36.05 3.13
C LEU B 35 16.48 -36.71 2.02
N SER B 36 16.89 -35.92 1.05
CA SER B 36 17.75 -36.43 -0.03
C SER B 36 19.12 -37.00 0.44
N SER B 37 19.64 -36.48 1.56
CA SER B 37 20.87 -36.97 2.20
C SER B 37 20.76 -38.35 2.88
N GLY B 38 19.54 -38.77 3.21
CA GLY B 38 19.31 -39.92 4.09
C GLY B 38 18.81 -39.51 5.47
N ARG B 39 18.97 -38.24 5.86
CA ARG B 39 18.58 -37.79 7.20
C ARG B 39 17.10 -37.81 7.28
N GLU B 40 16.58 -38.11 8.46
CA GLU B 40 15.15 -38.05 8.66
C GLU B 40 14.83 -36.82 9.48
N ALA B 41 13.85 -36.05 8.99
CA ALA B 41 13.35 -34.86 9.67
C ALA B 41 11.90 -35.08 10.11
N ASP B 42 11.42 -34.31 11.06
CA ASP B 42 9.96 -34.31 11.38
C ASP B 42 9.14 -33.32 10.55
N TYR B 43 9.76 -32.61 9.63
CA TYR B 43 8.97 -31.77 8.72
C TYR B 43 9.84 -31.42 7.55
N TYR B 44 9.25 -30.75 6.58
CA TYR B 44 9.98 -30.05 5.56
C TYR B 44 9.13 -28.86 5.16
N VAL B 45 9.74 -27.91 4.50
CA VAL B 45 9.11 -26.65 4.09
C VAL B 45 9.06 -26.60 2.58
N ASP B 46 7.87 -26.40 2.03
CA ASP B 46 7.65 -26.23 0.59
C ASP B 46 7.17 -24.80 0.44
N LEU B 47 8.10 -23.85 0.49
CA LEU B 47 7.71 -22.44 0.49
C LEU B 47 7.05 -21.94 -0.82
N ARG B 48 7.32 -22.60 -1.94
CA ARG B 48 6.71 -22.19 -3.22
C ARG B 48 5.21 -22.33 -3.34
N ARG B 49 4.56 -23.20 -2.55
CA ARG B 49 3.10 -23.24 -2.53
C ARG B 49 2.55 -21.93 -1.98
N ALA B 50 3.28 -21.29 -1.07
CA ALA B 50 2.90 -19.95 -0.63
C ALA B 50 3.25 -18.91 -1.65
N THR B 51 4.49 -18.90 -2.11
CA THR B 51 4.91 -17.85 -3.10
C THR B 51 4.14 -17.93 -4.46
N LEU B 52 3.57 -19.10 -4.77
CA LEU B 52 2.72 -19.23 -5.97
C LEU B 52 1.21 -19.32 -5.68
N HIS B 53 0.80 -18.83 -4.50
CA HIS B 53 -0.61 -18.75 -4.08
C HIS B 53 -1.03 -17.27 -4.22
N HIS B 54 -2.26 -17.04 -4.67
CA HIS B 54 -2.75 -15.69 -5.07
C HIS B 54 -2.81 -14.67 -3.95
N ARG B 55 -3.26 -15.11 -2.77
CA ARG B 55 -3.31 -14.25 -1.59
C ARG B 55 -1.93 -14.09 -0.94
N ALA B 56 -1.27 -15.20 -0.63
CA ALA B 56 0.00 -15.16 0.07
C ALA B 56 1.01 -14.40 -0.72
N SER B 57 0.97 -14.48 -2.06
CA SER B 57 1.99 -13.81 -2.84
C SER B 57 1.72 -12.33 -2.84
N ALA B 58 0.45 -11.95 -2.96
CA ALA B 58 0.08 -10.55 -2.82
C ALA B 58 0.53 -9.93 -1.46
N LEU B 59 0.44 -10.67 -0.36
CA LEU B 59 0.94 -10.19 0.93
C LEU B 59 2.45 -10.14 0.95
N ILE B 60 3.07 -11.11 0.30
CA ILE B 60 4.54 -11.08 0.20
C ILE B 60 4.99 -9.81 -0.51
N GLY B 61 4.35 -9.42 -1.59
CA GLY B 61 4.79 -8.22 -2.33
C GLY B 61 4.67 -6.95 -1.49
N ARG B 62 3.55 -6.83 -0.80
CA ARG B 62 3.26 -5.72 0.09
C ARG B 62 4.30 -5.67 1.17
N LEU B 63 4.40 -6.78 1.89
CA LEU B 63 5.21 -6.87 3.08
C LEU B 63 6.71 -6.75 2.80
N MET B 64 7.18 -7.34 1.69
CA MET B 64 8.58 -7.19 1.27
C MET B 64 8.85 -5.71 0.89
N ARG B 65 7.87 -5.02 0.32
CA ARG B 65 8.05 -3.59 0.00
C ARG B 65 8.14 -2.77 1.28
N GLU B 66 7.25 -3.03 2.25
CA GLU B 66 7.31 -2.34 3.57
C GLU B 66 8.63 -2.61 4.24
N LEU B 67 9.03 -3.88 4.23
CA LEU B 67 10.28 -4.31 4.87
C LEU B 67 11.53 -3.58 4.36
N THR B 68 11.52 -3.18 3.09
CA THR B 68 12.69 -2.59 2.46
C THR B 68 12.43 -1.13 2.04
N ALA B 69 11.45 -0.48 2.65
CA ALA B 69 11.00 0.90 2.26
C ALA B 69 12.07 1.98 2.42
N ASP B 70 12.91 1.79 3.44
CA ASP B 70 14.09 2.62 3.65
C ASP B 70 15.32 2.31 2.79
N TRP B 71 15.24 1.37 1.84
CA TRP B 71 16.32 1.07 0.90
C TRP B 71 15.97 1.60 -0.49
N ASP B 72 16.99 1.90 -1.29
CA ASP B 72 16.82 2.54 -2.60
C ASP B 72 17.19 1.53 -3.66
N TYR B 73 16.21 1.03 -4.40
CA TYR B 73 16.48 0.08 -5.46
C TYR B 73 15.45 0.17 -6.55
N SER B 74 15.89 -0.04 -7.78
CA SER B 74 15.02 0.03 -8.93
C SER B 74 14.72 -1.35 -9.46
N VAL B 75 15.40 -2.36 -8.96
CA VAL B 75 15.24 -3.66 -9.55
C VAL B 75 15.40 -4.75 -8.50
N VAL B 76 14.56 -5.78 -8.62
CA VAL B 76 14.46 -6.89 -7.66
C VAL B 76 14.53 -8.23 -8.36
N GLY B 77 15.16 -9.21 -7.71
CA GLY B 77 15.41 -10.52 -8.33
C GLY B 77 16.37 -11.39 -7.53
N GLY B 78 16.45 -12.67 -7.90
CA GLY B 78 17.39 -13.59 -7.28
C GLY B 78 17.58 -14.86 -8.08
N LEU B 79 18.05 -15.93 -7.41
CA LEU B 79 18.32 -17.22 -8.09
C LEU B 79 17.04 -17.96 -8.42
N THR B 80 16.92 -18.42 -9.66
CA THR B 80 15.77 -19.21 -10.10
C THR B 80 15.77 -20.57 -9.35
N LEU B 81 14.64 -21.24 -9.07
CA LEU B 81 13.26 -20.81 -9.22
C LEU B 81 12.76 -20.02 -8.03
N GLY B 82 13.31 -20.22 -6.84
CA GLY B 82 12.73 -19.72 -5.62
C GLY B 82 12.47 -18.21 -5.58
N ALA B 83 13.37 -17.45 -6.22
CA ALA B 83 13.33 -16.01 -6.15
C ALA B 83 12.27 -15.39 -7.07
N ASP B 84 12.03 -16.03 -8.20
CA ASP B 84 11.24 -15.42 -9.25
C ASP B 84 9.82 -15.08 -8.75
N PRO B 85 9.11 -16.00 -8.06
CA PRO B 85 7.77 -15.67 -7.53
C PRO B 85 7.75 -14.52 -6.53
N VAL B 86 8.78 -14.45 -5.68
CA VAL B 86 8.98 -13.32 -4.78
C VAL B 86 9.29 -12.02 -5.56
N ALA B 87 10.27 -12.07 -6.45
CA ALA B 87 10.65 -10.86 -7.22
C ALA B 87 9.46 -10.27 -7.97
N THR B 88 8.69 -11.10 -8.65
CA THR B 88 7.52 -10.60 -9.40
C THR B 88 6.32 -10.17 -8.52
N ALA B 89 6.17 -10.78 -7.35
CA ALA B 89 5.18 -10.30 -6.41
C ALA B 89 5.54 -8.84 -5.94
N ILE B 90 6.82 -8.57 -5.72
CA ILE B 90 7.27 -7.25 -5.30
C ILE B 90 7.03 -6.28 -6.42
N MET B 91 7.38 -6.69 -7.64
CA MET B 91 7.18 -5.86 -8.84
C MET B 91 5.72 -5.51 -9.04
N HIS B 92 4.82 -6.47 -8.83
CA HIS B 92 3.39 -6.28 -9.12
C HIS B 92 2.63 -5.57 -8.03
N ALA B 93 3.21 -5.54 -6.84
CA ALA B 93 2.64 -4.92 -5.66
C ALA B 93 2.55 -3.41 -5.82
N PRO B 94 1.59 -2.78 -5.13
CA PRO B 94 1.43 -1.35 -5.36
C PRO B 94 2.62 -0.51 -4.89
N GLY B 95 2.83 0.56 -5.64
CA GLY B 95 3.73 1.62 -5.26
C GLY B 95 4.58 2.03 -6.43
N ARG B 96 5.70 2.66 -6.07
CA ARG B 96 6.68 3.13 -6.99
C ARG B 96 7.13 1.97 -7.87
N PRO B 97 7.42 2.26 -9.15
CA PRO B 97 7.77 1.17 -10.03
C PRO B 97 9.09 0.46 -9.67
N ILE B 98 9.07 -0.87 -9.73
CA ILE B 98 10.25 -1.69 -9.52
C ILE B 98 10.22 -2.84 -10.53
N ASP B 99 11.29 -2.98 -11.32
CA ASP B 99 11.39 -4.06 -12.31
C ASP B 99 12.04 -5.29 -11.69
N ALA B 100 11.98 -6.40 -12.40
CA ALA B 100 12.50 -7.69 -11.94
C ALA B 100 13.59 -8.26 -12.87
N PHE B 101 14.36 -9.18 -12.29
CA PHE B 101 15.38 -9.97 -12.98
C PHE B 101 15.48 -11.35 -12.33
N VAL B 102 16.15 -12.27 -13.04
CA VAL B 102 16.24 -13.67 -12.64
C VAL B 102 17.67 -14.17 -12.87
N VAL B 103 18.32 -14.69 -11.85
CA VAL B 103 19.65 -15.25 -12.03
C VAL B 103 19.50 -16.74 -12.35
N ARG B 104 20.01 -17.17 -13.51
CA ARG B 104 19.98 -18.59 -13.90
C ARG B 104 21.10 -19.32 -13.17
N LYS B 105 21.01 -20.64 -13.13
CA LYS B 105 22.10 -21.45 -12.57
C LYS B 105 23.26 -21.69 -13.57
N SER B 106 22.96 -21.89 -14.86
CA SER B 106 24.00 -22.03 -15.89
C SER B 106 23.46 -21.78 -17.30
N ARG B 114 25.01 -14.49 -19.91
CA ARG B 114 23.73 -15.20 -19.96
C ARG B 114 23.15 -15.52 -18.57
N LEU B 115 23.85 -15.15 -17.50
CA LEU B 115 23.39 -15.42 -16.13
C LEU B 115 22.11 -14.66 -15.72
N ILE B 116 21.94 -13.44 -16.18
CA ILE B 116 20.88 -12.58 -15.73
C ILE B 116 19.86 -12.29 -16.82
N GLU B 117 18.59 -12.60 -16.54
CA GLU B 117 17.49 -12.38 -17.46
C GLU B 117 16.60 -11.30 -16.90
N GLY B 118 15.86 -10.69 -17.80
CA GLY B 118 14.91 -9.66 -17.50
C GLY B 118 15.54 -8.30 -17.53
N SER B 119 15.17 -7.47 -16.57
CA SER B 119 15.54 -6.10 -16.58
C SER B 119 17.02 -5.94 -16.35
N GLU B 120 17.57 -4.83 -16.82
CA GLU B 120 19.00 -4.56 -16.70
C GLU B 120 19.35 -4.35 -15.25
N VAL B 121 20.43 -4.97 -14.78
CA VAL B 121 21.02 -4.65 -13.47
C VAL B 121 22.30 -3.79 -13.48
N THR B 122 22.96 -3.65 -14.61
CA THR B 122 24.22 -2.86 -14.69
C THR B 122 24.03 -1.35 -14.40
N GLY B 123 24.87 -0.83 -13.52
CA GLY B 123 24.74 0.54 -13.04
C GLY B 123 23.59 0.81 -12.06
N GLN B 124 22.77 -0.21 -11.74
CA GLN B 124 21.55 -0.02 -10.93
C GLN B 124 21.73 -0.48 -9.51
N ARG B 125 20.90 0.08 -8.64
CA ARG B 125 20.76 -0.37 -7.25
C ARG B 125 19.66 -1.44 -7.20
N VAL B 126 19.99 -2.56 -6.59
CA VAL B 126 19.31 -3.84 -6.76
C VAL B 126 19.07 -4.46 -5.40
N LEU B 127 17.88 -5.01 -5.23
CA LEU B 127 17.50 -5.82 -4.07
C LEU B 127 17.53 -7.29 -4.48
N VAL B 128 18.31 -8.09 -3.76
CA VAL B 128 18.36 -9.55 -3.97
C VAL B 128 17.36 -10.19 -3.00
N VAL B 129 16.59 -11.10 -3.57
CA VAL B 129 15.50 -11.76 -2.87
C VAL B 129 15.74 -13.28 -2.85
N GLU B 130 15.13 -13.94 -1.88
CA GLU B 130 15.16 -15.40 -1.73
C GLU B 130 13.84 -15.74 -1.05
N ASP B 131 13.23 -16.87 -1.36
CA ASP B 131 12.04 -17.25 -0.60
C ASP B 131 12.49 -17.72 0.78
N THR B 132 13.48 -18.60 0.81
CA THR B 132 14.02 -19.19 2.05
C THR B 132 15.12 -20.19 1.72
N SER B 133 15.79 -20.62 2.77
CA SER B 133 17.09 -21.23 2.61
C SER B 133 17.62 -21.55 3.99
N THR B 134 18.41 -22.61 4.11
CA THR B 134 19.10 -22.92 5.36
C THR B 134 20.47 -22.33 5.41
N THR B 135 21.13 -22.18 4.27
CA THR B 135 22.56 -21.80 4.20
C THR B 135 22.86 -20.44 3.55
N GLY B 136 21.91 -19.89 2.80
CA GLY B 136 22.12 -18.61 2.11
C GLY B 136 23.01 -18.60 0.84
N ASN B 137 23.42 -19.79 0.37
CA ASN B 137 24.30 -19.95 -0.76
C ASN B 137 23.63 -19.45 -2.02
N SER B 138 22.35 -19.73 -2.16
CA SER B 138 21.56 -19.25 -3.31
C SER B 138 21.51 -17.70 -3.43
N ALA B 139 21.26 -17.06 -2.31
CA ALA B 139 21.21 -15.62 -2.24
C ALA B 139 22.58 -15.10 -2.66
N LEU B 140 23.62 -15.65 -2.04
CA LEU B 140 25.01 -15.28 -2.32
C LEU B 140 25.41 -15.41 -3.77
N THR B 141 24.99 -16.49 -4.41
CA THR B 141 25.19 -16.71 -5.85
C THR B 141 24.57 -15.59 -6.70
N ALA B 142 23.36 -15.18 -6.32
CA ALA B 142 22.64 -14.11 -7.01
C ALA B 142 23.35 -12.78 -6.78
N VAL B 143 23.77 -12.53 -5.54
CA VAL B 143 24.49 -11.30 -5.22
C VAL B 143 25.73 -11.20 -6.12
N HIS B 144 26.57 -12.24 -6.07
CA HIS B 144 27.79 -12.35 -6.89
C HIS B 144 27.54 -12.18 -8.37
N ALA B 145 26.47 -12.78 -8.88
CA ALA B 145 26.13 -12.63 -10.30
C ALA B 145 25.76 -11.20 -10.67
N VAL B 146 25.15 -10.46 -9.74
CA VAL B 146 24.71 -9.10 -10.01
C VAL B 146 25.95 -8.16 -10.00
N GLN B 147 26.83 -8.39 -9.02
CA GLN B 147 28.11 -7.70 -8.89
C GLN B 147 29.01 -7.88 -10.13
N ASP B 148 29.15 -9.10 -10.61
CA ASP B 148 29.95 -9.34 -11.85
C ASP B 148 29.51 -8.58 -13.10
N VAL B 149 28.30 -8.02 -13.07
CA VAL B 149 27.71 -7.32 -14.19
C VAL B 149 27.62 -5.81 -13.86
N GLY B 150 28.23 -5.37 -12.76
CA GLY B 150 28.18 -3.95 -12.39
C GLY B 150 26.91 -3.43 -11.71
N GLY B 151 26.00 -4.31 -11.29
CA GLY B 151 24.94 -3.93 -10.34
C GLY B 151 25.46 -3.72 -8.93
N GLU B 152 24.81 -2.86 -8.17
CA GLU B 152 25.12 -2.67 -6.78
C GLU B 152 24.00 -3.27 -5.94
N VAL B 153 24.32 -4.25 -5.08
CA VAL B 153 23.32 -4.88 -4.26
C VAL B 153 23.16 -4.11 -2.96
N VAL B 154 21.93 -3.67 -2.69
CA VAL B 154 21.62 -2.87 -1.51
C VAL B 154 21.29 -3.74 -0.28
N GLY B 155 20.99 -5.00 -0.51
CA GLY B 155 20.78 -5.93 0.59
C GLY B 155 20.01 -7.11 0.06
N VAL B 156 19.67 -8.00 1.00
CA VAL B 156 18.94 -9.21 0.74
C VAL B 156 17.73 -9.19 1.62
N ALA B 157 16.57 -9.45 1.05
CA ALA B 157 15.37 -9.65 1.83
C ALA B 157 14.88 -11.02 1.48
N THR B 158 14.27 -11.66 2.47
CA THR B 158 13.76 -13.00 2.36
C THR B 158 12.35 -13.11 2.97
N VAL B 159 11.58 -14.15 2.60
CA VAL B 159 10.25 -14.38 3.14
C VAL B 159 10.33 -15.04 4.53
N VAL B 160 11.16 -16.08 4.64
CA VAL B 160 11.30 -16.87 5.87
C VAL B 160 12.78 -17.04 6.20
N ASP B 161 13.15 -16.63 7.40
CA ASP B 161 14.48 -16.81 7.92
C ASP B 161 14.42 -18.07 8.75
N ARG B 162 15.39 -18.96 8.57
CA ARG B 162 15.37 -20.26 9.28
C ARG B 162 16.34 -20.26 10.45
N ALA B 163 16.97 -19.12 10.74
CA ALA B 163 17.83 -19.02 11.92
C ALA B 163 18.92 -20.09 11.88
N THR B 164 19.49 -20.35 10.70
CA THR B 164 20.57 -21.34 10.58
C THR B 164 21.84 -20.72 9.96
N GLY B 165 21.97 -19.39 10.08
CA GLY B 165 23.19 -18.66 9.70
C GLY B 165 23.17 -17.96 8.34
N ALA B 166 22.11 -18.12 7.58
CA ALA B 166 21.94 -17.44 6.32
C ALA B 166 22.17 -15.95 6.48
N ALA B 167 21.43 -15.37 7.42
CA ALA B 167 21.59 -13.96 7.76
C ALA B 167 23.04 -13.54 7.91
N GLU B 168 23.81 -14.26 8.74
CA GLU B 168 25.19 -13.88 9.09
C GLU B 168 26.14 -14.06 7.93
N ALA B 169 25.91 -15.08 7.14
CA ALA B 169 26.66 -15.27 5.91
C ALA B 169 26.45 -14.03 5.01
N ILE B 170 25.20 -13.61 4.84
CA ILE B 170 24.92 -12.43 4.02
C ILE B 170 25.55 -11.15 4.63
N GLU B 171 25.49 -11.02 5.95
CA GLU B 171 26.12 -9.93 6.67
C GLU B 171 27.65 -9.93 6.59
N ALA B 172 28.31 -11.08 6.49
CA ALA B 172 29.77 -11.12 6.37
C ALA B 172 30.26 -10.52 5.05
N GLU B 173 29.38 -10.47 4.05
CA GLU B 173 29.69 -9.94 2.74
C GLU B 173 29.35 -8.46 2.63
N GLY B 174 29.08 -7.83 3.78
CA GLY B 174 28.84 -6.40 3.87
C GLY B 174 27.43 -6.03 3.49
N LEU B 175 26.53 -7.01 3.52
CA LEU B 175 25.18 -6.77 3.05
C LEU B 175 24.21 -6.96 4.18
N ARG B 176 23.26 -6.04 4.24
CA ARG B 176 22.16 -6.08 5.18
C ARG B 176 21.20 -7.21 4.75
N TYR B 177 20.64 -7.87 5.75
CA TYR B 177 19.67 -8.96 5.52
C TYR B 177 18.41 -8.74 6.34
N ARG B 178 17.26 -9.02 5.75
CA ARG B 178 15.97 -8.88 6.43
C ARG B 178 15.00 -10.00 6.02
N SER B 179 14.07 -10.28 6.91
CA SER B 179 13.04 -11.28 6.63
C SER B 179 11.65 -10.83 7.08
N VAL B 180 10.62 -11.29 6.40
CA VAL B 180 9.27 -10.98 6.80
C VAL B 180 8.88 -11.88 7.96
N LEU B 181 9.33 -13.13 7.90
CA LEU B 181 8.96 -14.14 8.88
C LEU B 181 10.19 -14.87 9.41
N GLY B 182 10.00 -15.55 10.53
CA GLY B 182 11.05 -16.33 11.14
C GLY B 182 10.61 -17.70 11.62
N LEU B 183 11.54 -18.36 12.28
CA LEU B 183 11.38 -19.72 12.70
C LEU B 183 10.12 -19.89 13.55
N ALA B 184 9.91 -18.96 14.49
CA ALA B 184 8.73 -18.97 15.36
C ALA B 184 7.34 -18.85 14.65
N ASP B 185 7.30 -18.19 13.51
CA ASP B 185 6.08 -18.15 12.71
C ASP B 185 5.77 -19.49 12.04
N LEU B 186 6.80 -20.31 11.83
CA LEU B 186 6.62 -21.69 11.40
C LEU B 186 6.44 -22.51 12.70
N GLY B 187 5.21 -22.84 13.05
CA GLY B 187 4.96 -23.59 14.27
C GLY B 187 5.55 -24.99 14.28
N LEU B 188 6.83 -25.11 14.66
CA LEU B 188 7.50 -26.43 14.77
C LEU B 188 7.42 -27.05 16.18
N PRO C 14 -16.22 23.38 -12.62
CA PRO C 14 -15.35 24.45 -12.09
C PRO C 14 -14.67 24.12 -10.75
N ASP C 15 -15.41 23.48 -9.84
CA ASP C 15 -14.87 23.08 -8.54
C ASP C 15 -13.68 22.16 -8.67
N ARG C 16 -13.78 21.20 -9.58
CA ARG C 16 -12.74 20.21 -9.76
C ARG C 16 -11.47 20.91 -10.29
N ALA C 17 -11.61 21.67 -11.39
CA ALA C 17 -10.52 22.50 -11.94
C ALA C 17 -9.98 23.51 -10.93
N GLU C 18 -10.86 24.09 -10.12
CA GLU C 18 -10.40 24.96 -9.01
C GLU C 18 -9.60 24.15 -7.95
N LEU C 19 -10.09 22.96 -7.56
CA LEU C 19 -9.34 22.13 -6.59
C LEU C 19 -7.96 21.71 -7.15
N ALA C 20 -7.98 21.14 -8.35
CA ALA C 20 -6.76 20.72 -9.04
C ALA C 20 -5.65 21.82 -9.04
N GLU C 21 -6.01 23.10 -9.33
CA GLU C 21 -5.02 24.17 -9.32
C GLU C 21 -4.53 24.49 -7.92
N LEU C 22 -5.41 24.42 -6.91
CA LEU C 22 -4.96 24.59 -5.52
C LEU C 22 -4.04 23.46 -5.07
N VAL C 23 -4.38 22.22 -5.45
CA VAL C 23 -3.50 21.08 -5.16
C VAL C 23 -2.11 21.25 -5.82
N ARG C 24 -2.05 21.75 -7.05
CA ARG C 24 -0.75 22.05 -7.70
C ARG C 24 -0.04 23.20 -6.97
N ARG C 25 -0.76 24.26 -6.71
CA ARG C 25 -0.19 25.42 -6.04
C ARG C 25 0.33 25.03 -4.65
N LEU C 26 -0.44 24.25 -3.87
CA LEU C 26 -0.16 24.04 -2.42
C LEU C 26 0.68 22.81 -2.06
N SER C 27 0.63 21.78 -2.90
CA SER C 27 1.04 20.44 -2.47
C SER C 27 2.03 19.73 -3.33
N VAL C 28 2.26 20.19 -4.55
CA VAL C 28 3.22 19.59 -5.43
C VAL C 28 4.45 20.43 -5.37
N VAL C 29 5.43 19.97 -4.61
CA VAL C 29 6.62 20.73 -4.33
C VAL C 29 7.70 20.37 -5.36
N HIS C 30 7.92 21.23 -6.36
CA HIS C 30 8.90 20.90 -7.42
C HIS C 30 10.35 21.15 -7.00
N GLY C 31 11.27 20.29 -7.46
CA GLY C 31 12.69 20.39 -7.12
C GLY C 31 13.37 19.14 -6.59
N ARG C 32 14.67 19.02 -6.89
CA ARG C 32 15.49 17.91 -6.44
C ARG C 32 15.46 17.80 -4.92
N VAL C 33 14.93 16.67 -4.45
CA VAL C 33 14.73 16.41 -3.05
C VAL C 33 15.21 14.98 -2.77
N THR C 34 15.82 14.73 -1.61
CA THR C 34 16.17 13.35 -1.24
C THR C 34 15.05 12.69 -0.42
N LEU C 35 14.58 11.52 -0.87
CA LEU C 35 13.44 10.86 -0.24
C LEU C 35 13.94 10.01 0.92
N SER C 36 12.99 9.50 1.72
CA SER C 36 13.29 8.57 2.81
C SER C 36 14.16 7.40 2.38
N SER C 37 13.80 6.77 1.26
CA SER C 37 14.56 5.62 0.73
C SER C 37 16.05 5.87 0.42
N GLY C 38 16.47 7.14 0.28
CA GLY C 38 17.75 7.51 -0.34
C GLY C 38 17.66 7.90 -1.82
N ARG C 39 16.53 7.64 -2.49
CA ARG C 39 16.36 8.01 -3.90
C ARG C 39 16.22 9.52 -4.04
N GLU C 40 16.78 10.07 -5.10
CA GLU C 40 16.53 11.47 -5.42
C GLU C 40 15.37 11.56 -6.40
N ALA C 41 14.51 12.55 -6.18
CA ALA C 41 13.33 12.80 -6.98
C ALA C 41 13.25 14.29 -7.36
N ASP C 42 12.45 14.61 -8.38
CA ASP C 42 12.29 15.99 -8.83
C ASP C 42 11.08 16.71 -8.16
N TYR C 43 10.40 16.03 -7.23
CA TYR C 43 9.29 16.63 -6.49
C TYR C 43 8.89 15.69 -5.37
N TYR C 44 8.02 16.20 -4.51
CA TYR C 44 7.31 15.45 -3.50
C TYR C 44 5.95 16.09 -3.29
N VAL C 45 5.00 15.31 -2.81
CA VAL C 45 3.61 15.75 -2.67
C VAL C 45 3.37 15.99 -1.20
N ASP C 46 2.67 17.07 -0.88
CA ASP C 46 2.42 17.45 0.50
C ASP C 46 0.95 17.82 0.55
N LEU C 47 0.11 16.79 0.47
CA LEU C 47 -1.30 17.02 0.33
C LEU C 47 -1.97 17.73 1.52
N ARG C 48 -1.36 17.67 2.72
CA ARG C 48 -1.98 18.30 3.91
C ARG C 48 -2.15 19.79 3.82
N ARG C 49 -1.21 20.47 3.17
CA ARG C 49 -1.25 21.91 2.95
C ARG C 49 -2.56 22.22 2.26
N ALA C 50 -2.96 21.36 1.32
CA ALA C 50 -4.23 21.47 0.65
C ALA C 50 -5.40 21.01 1.51
N THR C 51 -5.29 19.87 2.16
CA THR C 51 -6.44 19.40 3.01
C THR C 51 -6.70 20.25 4.27
N LEU C 52 -5.71 20.99 4.72
CA LEU C 52 -5.81 21.93 5.82
C LEU C 52 -5.85 23.42 5.34
N HIS C 53 -6.32 23.63 4.09
CA HIS C 53 -6.52 24.96 3.52
C HIS C 53 -7.99 25.24 3.40
N HIS C 54 -8.35 26.46 3.75
CA HIS C 54 -9.76 26.82 3.87
C HIS C 54 -10.54 26.54 2.61
N ARG C 55 -10.00 26.90 1.45
CA ARG C 55 -10.74 26.73 0.19
C ARG C 55 -10.69 25.31 -0.37
N ALA C 56 -9.49 24.78 -0.54
CA ALA C 56 -9.31 23.42 -1.04
C ALA C 56 -10.04 22.42 -0.17
N SER C 57 -10.11 22.61 1.15
CA SER C 57 -10.82 21.64 1.99
C SER C 57 -12.35 21.71 1.80
N ALA C 58 -12.83 22.94 1.58
CA ALA C 58 -14.26 23.15 1.30
C ALA C 58 -14.69 22.45 0.02
N LEU C 59 -13.88 22.56 -1.01
CA LEU C 59 -14.12 21.86 -2.25
C LEU C 59 -13.96 20.36 -2.13
N ILE C 60 -12.93 19.91 -1.40
CA ILE C 60 -12.79 18.48 -1.08
C ILE C 60 -14.07 17.92 -0.44
N GLY C 61 -14.62 18.61 0.55
CA GLY C 61 -15.84 18.10 1.22
C GLY C 61 -16.97 17.94 0.19
N ARG C 62 -17.08 18.95 -0.66
CA ARG C 62 -18.17 19.09 -1.57
C ARG C 62 -18.03 18.05 -2.69
N LEU C 63 -16.84 17.96 -3.23
CA LEU C 63 -16.53 17.04 -4.30
C LEU C 63 -16.50 15.56 -3.86
N MET C 64 -15.98 15.28 -2.66
CA MET C 64 -16.00 13.91 -2.11
C MET C 64 -17.46 13.43 -1.93
N ARG C 65 -18.35 14.33 -1.50
CA ARG C 65 -19.75 14.00 -1.38
C ARG C 65 -20.37 13.67 -2.76
N GLU C 66 -20.10 14.47 -3.77
CA GLU C 66 -20.69 14.23 -5.12
C GLU C 66 -20.17 12.90 -5.65
N LEU C 67 -18.86 12.69 -5.51
CA LEU C 67 -18.17 11.44 -5.89
C LEU C 67 -18.76 10.15 -5.28
N THR C 68 -19.31 10.26 -4.09
CA THR C 68 -19.80 9.12 -3.35
C THR C 68 -21.33 9.21 -3.14
N ALA C 69 -22.03 10.03 -3.93
CA ALA C 69 -23.50 10.25 -3.74
C ALA C 69 -24.39 9.00 -3.95
N ASP C 70 -23.98 8.10 -4.85
CA ASP C 70 -24.63 6.80 -5.04
C ASP C 70 -24.35 5.73 -3.95
N TRP C 71 -23.47 6.02 -2.96
CA TRP C 71 -23.12 5.07 -1.89
C TRP C 71 -23.85 5.41 -0.61
N ASP C 72 -24.20 4.41 0.20
CA ASP C 72 -25.01 4.58 1.41
C ASP C 72 -24.08 4.42 2.58
N TYR C 73 -23.77 5.53 3.27
CA TYR C 73 -22.90 5.54 4.46
C TYR C 73 -23.24 6.70 5.37
N SER C 74 -23.25 6.41 6.66
CA SER C 74 -23.62 7.39 7.63
C SER C 74 -22.39 7.93 8.34
N VAL C 75 -21.22 7.40 8.08
CA VAL C 75 -20.03 7.85 8.79
C VAL C 75 -18.78 7.76 7.87
N VAL C 76 -17.78 8.62 8.13
CA VAL C 76 -16.59 8.72 7.31
C VAL C 76 -15.30 8.91 8.16
N GLY C 77 -14.21 8.30 7.72
CA GLY C 77 -12.92 8.45 8.40
C GLY C 77 -11.81 7.60 7.77
N GLY C 78 -10.64 7.61 8.39
CA GLY C 78 -9.52 6.78 7.93
C GLY C 78 -8.40 6.86 8.93
N LEU C 79 -7.19 6.63 8.45
CA LEU C 79 -5.99 6.59 9.26
C LEU C 79 -5.45 7.95 9.53
N THR C 80 -5.29 8.28 10.81
CA THR C 80 -4.65 9.54 11.19
C THR C 80 -3.18 9.65 10.64
N LEU C 81 -2.75 10.80 10.11
CA LEU C 81 -3.54 12.06 10.01
C LEU C 81 -3.87 12.47 8.55
N GLY C 82 -3.62 11.59 7.57
CA GLY C 82 -3.96 11.88 6.17
C GLY C 82 -5.47 12.02 5.95
N ALA C 83 -6.19 11.13 6.59
CA ALA C 83 -7.63 11.02 6.48
C ALA C 83 -8.43 12.10 7.25
N ASP C 84 -7.97 12.49 8.43
CA ASP C 84 -8.82 13.28 9.32
C ASP C 84 -9.31 14.56 8.62
N PRO C 85 -8.38 15.36 8.05
CA PRO C 85 -8.87 16.57 7.39
C PRO C 85 -9.83 16.29 6.23
N VAL C 86 -9.70 15.15 5.56
CA VAL C 86 -10.64 14.81 4.46
C VAL C 86 -12.02 14.53 5.06
N ALA C 87 -12.06 13.59 6.01
CA ALA C 87 -13.30 13.20 6.71
C ALA C 87 -14.02 14.37 7.40
N THR C 88 -13.28 15.26 8.04
CA THR C 88 -13.97 16.42 8.64
C THR C 88 -14.48 17.39 7.56
N ALA C 89 -13.77 17.54 6.45
CA ALA C 89 -14.27 18.36 5.33
C ALA C 89 -15.57 17.73 4.78
N ILE C 90 -15.56 16.42 4.58
CA ILE C 90 -16.76 15.77 4.08
C ILE C 90 -17.88 16.05 5.07
N MET C 91 -17.60 15.81 6.34
CA MET C 91 -18.57 16.02 7.42
C MET C 91 -19.11 17.45 7.42
N HIS C 92 -18.26 18.44 7.23
CA HIS C 92 -18.73 19.82 7.34
C HIS C 92 -19.43 20.29 6.12
N ALA C 93 -19.25 19.60 5.00
CA ALA C 93 -19.82 20.03 3.75
C ALA C 93 -21.33 19.98 3.83
N PRO C 94 -21.99 20.88 3.08
CA PRO C 94 -23.45 20.87 2.97
C PRO C 94 -24.06 19.50 2.55
N GLY C 95 -25.17 19.16 3.20
CA GLY C 95 -26.01 18.03 2.78
C GLY C 95 -26.49 17.22 3.98
N ARG C 96 -26.99 16.02 3.68
CA ARG C 96 -27.38 15.06 4.69
C ARG C 96 -26.30 14.92 5.78
N PRO C 97 -26.70 14.60 7.02
CA PRO C 97 -25.69 14.50 8.05
C PRO C 97 -24.79 13.28 7.86
N ILE C 98 -23.50 13.47 8.11
CA ILE C 98 -22.46 12.44 8.07
C ILE C 98 -21.46 12.71 9.19
N ASP C 99 -21.29 11.74 10.08
CA ASP C 99 -20.39 11.88 11.25
C ASP C 99 -19.01 11.34 10.87
N ALA C 100 -18.03 11.51 11.75
CA ALA C 100 -16.65 11.21 11.38
C ALA C 100 -15.96 10.28 12.38
N PHE C 101 -14.90 9.62 11.96
CA PHE C 101 -14.03 8.89 12.89
C PHE C 101 -12.59 8.95 12.46
N VAL C 102 -11.73 8.48 13.35
CA VAL C 102 -10.32 8.41 13.12
C VAL C 102 -9.77 7.08 13.63
N VAL C 103 -8.97 6.45 12.81
CA VAL C 103 -8.30 5.25 13.15
C VAL C 103 -6.91 5.64 13.59
N ARG C 104 -6.54 5.26 14.82
CA ARG C 104 -5.19 5.43 15.30
C ARG C 104 -4.26 4.34 14.78
N LYS C 105 -2.96 4.61 14.80
CA LYS C 105 -1.96 3.57 14.53
C LYS C 105 -1.71 2.72 15.78
N SER C 106 -1.85 3.34 16.97
CA SER C 106 -1.88 2.65 18.27
C SER C 106 -3.08 3.11 19.10
N ARG C 114 -9.17 0.89 21.89
CA ARG C 114 -8.98 2.34 21.72
C ARG C 114 -8.57 2.72 20.26
N LEU C 115 -8.72 1.79 19.30
CA LEU C 115 -8.25 1.99 17.93
C LEU C 115 -9.07 3.01 17.09
N ILE C 116 -10.36 3.07 17.30
CA ILE C 116 -11.21 3.98 16.54
C ILE C 116 -11.75 5.04 17.46
N GLU C 117 -11.51 6.30 17.11
CA GLU C 117 -11.96 7.44 17.90
C GLU C 117 -13.10 8.06 17.19
N GLY C 118 -13.94 8.74 17.98
CA GLY C 118 -15.02 9.57 17.48
C GLY C 118 -16.34 8.85 17.35
N SER C 119 -17.01 9.02 16.21
CA SER C 119 -18.33 8.47 16.02
C SER C 119 -18.29 6.98 15.90
N GLU C 120 -19.38 6.33 16.29
CA GLU C 120 -19.44 4.87 16.37
C GLU C 120 -19.41 4.34 14.93
N VAL C 121 -18.59 3.33 14.68
CA VAL C 121 -18.64 2.55 13.42
C VAL C 121 -19.28 1.14 13.52
N THR C 122 -19.39 0.57 14.72
CA THR C 122 -19.99 -0.78 14.87
C THR C 122 -21.41 -0.85 14.30
N GLY C 123 -21.67 -1.83 13.44
CA GLY C 123 -22.96 -1.93 12.76
C GLY C 123 -23.38 -0.70 11.96
N GLN C 124 -22.42 0.10 11.47
CA GLN C 124 -22.74 1.24 10.62
C GLN C 124 -22.14 0.98 9.29
N ARG C 125 -22.67 1.68 8.29
CA ARG C 125 -22.13 1.73 6.94
C ARG C 125 -21.17 2.91 6.84
N VAL C 126 -19.98 2.64 6.31
CA VAL C 126 -18.80 3.46 6.54
C VAL C 126 -18.07 3.69 5.23
N LEU C 127 -17.69 4.95 5.00
CA LEU C 127 -16.79 5.34 3.92
C LEU C 127 -15.38 5.52 4.46
N VAL C 128 -14.39 4.82 3.90
CA VAL C 128 -13.01 5.04 4.29
C VAL C 128 -12.40 6.06 3.32
N VAL C 129 -11.59 6.92 3.89
CA VAL C 129 -11.05 8.04 3.20
C VAL C 129 -9.54 8.03 3.37
N GLU C 130 -8.88 8.53 2.34
CA GLU C 130 -7.42 8.78 2.35
C GLU C 130 -7.24 10.12 1.64
N ASP C 131 -6.20 10.86 1.95
CA ASP C 131 -5.89 12.06 1.09
C ASP C 131 -5.18 11.59 -0.19
N THR C 132 -4.13 10.78 -0.03
CA THR C 132 -3.31 10.21 -1.15
C THR C 132 -2.27 9.22 -0.65
N SER C 133 -1.76 8.42 -1.58
CA SER C 133 -0.94 7.26 -1.18
C SER C 133 -0.37 6.60 -2.41
N THR C 134 0.87 6.10 -2.33
CA THR C 134 1.42 5.34 -3.45
C THR C 134 0.96 3.89 -3.43
N THR C 135 0.74 3.34 -2.22
CA THR C 135 0.51 1.92 -1.98
C THR C 135 -0.92 1.58 -1.61
N GLY C 136 -1.61 2.52 -0.95
CA GLY C 136 -2.93 2.23 -0.43
C GLY C 136 -2.96 1.41 0.87
N ASN C 137 -1.79 1.24 1.52
CA ASN C 137 -1.66 0.48 2.76
C ASN C 137 -2.43 1.11 3.91
N SER C 138 -2.44 2.44 3.93
CA SER C 138 -3.14 3.18 4.96
C SER C 138 -4.66 3.05 4.88
N ALA C 139 -5.19 3.13 3.67
CA ALA C 139 -6.61 2.90 3.49
C ALA C 139 -6.98 1.49 3.99
N LEU C 140 -6.13 0.50 3.70
CA LEU C 140 -6.46 -0.89 3.99
C LEU C 140 -6.33 -1.15 5.51
N THR C 141 -5.32 -0.56 6.16
CA THR C 141 -5.27 -0.57 7.63
C THR C 141 -6.55 -0.03 8.20
N ALA C 142 -7.01 1.09 7.63
CA ALA C 142 -8.27 1.69 8.08
C ALA C 142 -9.47 0.80 7.78
N VAL C 143 -9.50 0.19 6.62
CA VAL C 143 -10.56 -0.75 6.30
C VAL C 143 -10.56 -1.89 7.34
N HIS C 144 -9.40 -2.52 7.54
CA HIS C 144 -9.30 -3.69 8.44
C HIS C 144 -9.70 -3.35 9.87
N ALA C 145 -9.36 -2.13 10.28
CA ALA C 145 -9.66 -1.70 11.64
C ALA C 145 -11.15 -1.41 11.81
N VAL C 146 -11.87 -0.98 10.75
CA VAL C 146 -13.33 -0.82 10.83
C VAL C 146 -14.04 -2.21 10.81
N GLN C 147 -13.47 -3.13 10.06
CA GLN C 147 -14.05 -4.44 9.90
C GLN C 147 -13.92 -5.26 11.16
N ASP C 148 -12.77 -5.25 11.81
CA ASP C 148 -12.63 -5.86 13.16
C ASP C 148 -13.72 -5.55 14.16
N VAL C 149 -14.23 -4.31 14.14
CA VAL C 149 -15.14 -3.76 15.17
C VAL C 149 -16.59 -3.76 14.62
N GLY C 150 -16.81 -4.46 13.51
CA GLY C 150 -18.17 -4.69 13.00
C GLY C 150 -18.76 -3.63 12.09
N GLY C 151 -17.95 -2.69 11.60
CA GLY C 151 -18.46 -1.71 10.63
C GLY C 151 -18.47 -2.34 9.27
N GLU C 152 -19.38 -1.92 8.42
CA GLU C 152 -19.36 -2.32 7.04
C GLU C 152 -18.81 -1.15 6.22
N VAL C 153 -17.80 -1.46 5.42
CA VAL C 153 -17.11 -0.49 4.57
C VAL C 153 -17.74 -0.53 3.18
N VAL C 154 -18.34 0.58 2.75
CA VAL C 154 -19.02 0.63 1.46
C VAL C 154 -18.08 0.92 0.33
N GLY C 155 -16.89 1.40 0.65
CA GLY C 155 -15.97 1.87 -0.36
C GLY C 155 -14.88 2.74 0.22
N VAL C 156 -13.96 3.12 -0.65
CA VAL C 156 -12.83 3.95 -0.31
C VAL C 156 -12.77 5.09 -1.30
N ALA C 157 -12.69 6.31 -0.81
CA ALA C 157 -12.54 7.49 -1.67
C ALA C 157 -11.26 8.19 -1.30
N THR C 158 -10.65 8.85 -2.28
CA THR C 158 -9.35 9.49 -2.14
C THR C 158 -9.37 10.86 -2.88
N VAL C 159 -8.53 11.79 -2.41
CA VAL C 159 -8.40 13.07 -3.07
C VAL C 159 -7.55 12.92 -4.34
N VAL C 160 -6.39 12.29 -4.20
CA VAL C 160 -5.47 12.09 -5.33
C VAL C 160 -5.02 10.64 -5.44
N ASP C 161 -5.46 10.03 -6.52
CA ASP C 161 -4.92 8.79 -7.07
C ASP C 161 -3.60 9.03 -7.77
N ARG C 162 -2.65 8.14 -7.53
CA ARG C 162 -1.29 8.29 -8.04
C ARG C 162 -0.93 7.29 -9.13
N ALA C 163 -1.89 6.45 -9.51
CA ALA C 163 -1.75 5.48 -10.60
C ALA C 163 -0.56 4.53 -10.38
N THR C 164 -0.38 4.11 -9.13
CA THR C 164 0.69 3.20 -8.76
C THR C 164 0.13 1.91 -8.11
N GLY C 165 -1.19 1.69 -8.28
CA GLY C 165 -1.82 0.39 -8.00
C GLY C 165 -2.57 0.26 -6.71
N ALA C 166 -2.86 1.37 -6.06
CA ALA C 166 -3.63 1.36 -4.81
C ALA C 166 -5.09 1.02 -5.07
N ALA C 167 -5.66 1.61 -6.13
CA ALA C 167 -6.99 1.22 -6.61
C ALA C 167 -7.21 -0.30 -6.76
N GLU C 168 -6.29 -0.98 -7.46
CA GLU C 168 -6.40 -2.44 -7.68
C GLU C 168 -6.21 -3.20 -6.37
N ALA C 169 -5.29 -2.76 -5.53
CA ALA C 169 -5.19 -3.35 -4.20
C ALA C 169 -6.49 -3.23 -3.35
N ILE C 170 -7.17 -2.09 -3.38
CA ILE C 170 -8.43 -1.91 -2.62
C ILE C 170 -9.55 -2.70 -3.26
N GLU C 171 -9.62 -2.70 -4.60
CA GLU C 171 -10.60 -3.48 -5.36
C GLU C 171 -10.43 -4.99 -5.18
N ALA C 172 -9.19 -5.43 -4.96
CA ALA C 172 -8.88 -6.83 -4.64
C ALA C 172 -9.44 -7.28 -3.32
N GLU C 173 -9.79 -6.34 -2.43
CA GLU C 173 -10.39 -6.66 -1.15
C GLU C 173 -11.90 -6.58 -1.16
N GLY C 174 -12.50 -6.59 -2.36
CA GLY C 174 -13.95 -6.54 -2.53
C GLY C 174 -14.56 -5.14 -2.51
N LEU C 175 -13.74 -4.09 -2.52
CA LEU C 175 -14.20 -2.69 -2.28
C LEU C 175 -14.07 -1.78 -3.47
N ARG C 176 -15.16 -1.07 -3.80
CA ARG C 176 -15.11 0.02 -4.78
C ARG C 176 -14.11 1.11 -4.32
N TYR C 177 -13.43 1.71 -5.28
CA TYR C 177 -12.43 2.75 -5.07
C TYR C 177 -12.68 3.94 -6.00
N ARG C 178 -12.75 5.16 -5.46
CA ARG C 178 -12.87 6.35 -6.28
C ARG C 178 -11.95 7.49 -5.82
N SER C 179 -11.64 8.39 -6.76
CA SER C 179 -10.77 9.52 -6.49
C SER C 179 -11.29 10.80 -7.14
N VAL C 180 -11.04 11.92 -6.48
CA VAL C 180 -11.44 13.19 -7.05
C VAL C 180 -10.53 13.53 -8.19
N LEU C 181 -9.22 13.30 -8.01
CA LEU C 181 -8.15 13.73 -8.95
C LEU C 181 -7.19 12.62 -9.22
N GLY C 182 -6.43 12.75 -10.30
CA GLY C 182 -5.50 11.72 -10.74
C GLY C 182 -4.14 12.28 -11.01
N LEU C 183 -3.25 11.39 -11.46
CA LEU C 183 -1.84 11.71 -11.71
C LEU C 183 -1.72 12.95 -12.60
N ALA C 184 -2.50 13.00 -13.66
CA ALA C 184 -2.43 14.09 -14.64
C ALA C 184 -2.78 15.48 -14.04
N ASP C 185 -3.59 15.52 -12.99
CA ASP C 185 -3.96 16.77 -12.35
C ASP C 185 -2.81 17.37 -11.50
N LEU C 186 -1.89 16.51 -11.08
CA LEU C 186 -0.63 16.91 -10.44
C LEU C 186 0.23 17.28 -11.60
N GLY C 187 0.89 18.42 -11.55
CA GLY C 187 1.47 18.93 -12.84
C GLY C 187 2.91 18.48 -13.08
N LEU C 188 3.07 17.18 -13.33
CA LEU C 188 4.41 16.53 -13.44
C LEU C 188 4.80 16.27 -14.91
N PRO D 14 -27.99 30.45 22.81
CA PRO D 14 -28.66 29.21 22.35
C PRO D 14 -27.70 28.15 21.74
N ASP D 15 -26.75 28.57 20.90
CA ASP D 15 -25.73 27.68 20.32
C ASP D 15 -24.91 27.07 21.44
N ARG D 16 -24.41 27.95 22.32
CA ARG D 16 -23.64 27.49 23.43
C ARG D 16 -24.42 26.37 24.13
N ALA D 17 -25.71 26.57 24.34
CA ALA D 17 -26.56 25.59 25.02
C ALA D 17 -26.87 24.31 24.23
N GLU D 18 -27.11 24.42 22.91
CA GLU D 18 -27.27 23.25 22.06
C GLU D 18 -26.01 22.38 22.15
N LEU D 19 -24.84 23.03 22.10
CA LEU D 19 -23.54 22.36 22.17
C LEU D 19 -23.35 21.63 23.49
N ALA D 20 -23.63 22.35 24.57
CA ALA D 20 -23.45 21.85 25.93
C ALA D 20 -24.25 20.55 26.14
N GLU D 21 -25.47 20.51 25.61
CA GLU D 21 -26.36 19.34 25.63
C GLU D 21 -25.74 18.21 24.78
N LEU D 22 -25.25 18.52 23.56
CA LEU D 22 -24.56 17.51 22.73
C LEU D 22 -23.29 16.97 23.41
N VAL D 23 -22.52 17.84 24.06
CA VAL D 23 -21.30 17.42 24.74
C VAL D 23 -21.65 16.46 25.90
N ARG D 24 -22.63 16.84 26.73
CA ARG D 24 -23.13 15.95 27.79
C ARG D 24 -23.51 14.61 27.22
N ARG D 25 -24.35 14.63 26.21
CA ARG D 25 -24.94 13.40 25.70
C ARG D 25 -23.92 12.53 24.95
N LEU D 26 -23.00 13.15 24.20
CA LEU D 26 -22.03 12.40 23.41
C LEU D 26 -20.74 12.02 24.18
N SER D 27 -20.29 12.90 25.05
CA SER D 27 -18.92 12.80 25.60
C SER D 27 -18.78 12.43 27.10
N VAL D 28 -19.87 12.51 27.86
CA VAL D 28 -19.88 12.04 29.22
C VAL D 28 -20.47 10.63 29.14
N VAL D 29 -19.57 9.65 29.18
CA VAL D 29 -19.88 8.21 29.01
C VAL D 29 -20.08 7.67 30.43
N HIS D 30 -21.36 7.57 30.80
CA HIS D 30 -21.79 7.15 32.14
C HIS D 30 -21.64 5.68 32.27
N GLY D 31 -20.83 5.25 33.23
CA GLY D 31 -20.54 3.81 33.33
C GLY D 31 -19.39 3.64 34.27
N ARG D 32 -19.43 2.58 35.06
CA ARG D 32 -18.32 2.27 35.97
C ARG D 32 -17.17 1.62 35.20
N VAL D 33 -15.97 2.02 35.58
CA VAL D 33 -14.79 1.59 34.87
C VAL D 33 -13.62 1.49 35.86
N THR D 34 -13.00 0.31 35.87
CA THR D 34 -11.76 0.05 36.63
C THR D 34 -10.55 0.61 35.85
N LEU D 35 -9.89 1.60 36.46
CA LEU D 35 -8.68 2.19 35.90
C LEU D 35 -7.48 1.26 36.13
N SER D 36 -6.37 1.52 35.42
CA SER D 36 -5.10 0.78 35.61
C SER D 36 -4.30 1.24 36.84
N SER D 37 -4.88 2.14 37.64
CA SER D 37 -4.55 2.30 39.05
C SER D 37 -5.19 1.21 39.96
N GLY D 38 -6.39 0.76 39.61
CA GLY D 38 -7.24 -0.04 40.51
C GLY D 38 -8.44 0.76 41.02
N ARG D 39 -8.33 2.10 41.01
CA ARG D 39 -9.45 3.01 41.30
C ARG D 39 -10.58 2.86 40.29
N GLU D 40 -11.78 3.20 40.75
CA GLU D 40 -12.98 3.17 39.95
C GLU D 40 -13.52 4.61 39.76
N ALA D 41 -14.23 4.79 38.64
CA ALA D 41 -14.93 6.03 38.32
C ALA D 41 -16.33 5.74 37.76
N ASP D 42 -17.25 6.69 37.94
CA ASP D 42 -18.63 6.52 37.50
C ASP D 42 -18.82 6.92 36.04
N TYR D 43 -17.81 7.54 35.43
CA TYR D 43 -17.87 8.01 34.06
C TYR D 43 -16.46 8.31 33.58
N TYR D 44 -16.36 8.62 32.29
CA TYR D 44 -15.22 9.39 31.80
C TYR D 44 -15.66 10.34 30.71
N VAL D 45 -14.74 11.18 30.27
CA VAL D 45 -15.05 12.21 29.30
C VAL D 45 -14.30 11.96 28.02
N ASP D 46 -15.04 11.78 26.93
CA ASP D 46 -14.50 11.55 25.59
C ASP D 46 -14.96 12.64 24.60
N LEU D 47 -14.12 13.66 24.42
CA LEU D 47 -14.48 14.80 23.59
C LEU D 47 -14.47 14.51 22.10
N ARG D 48 -13.71 13.52 21.68
CA ARG D 48 -13.66 13.15 20.26
C ARG D 48 -15.03 12.74 19.68
N ARG D 49 -15.96 12.29 20.53
CA ARG D 49 -17.34 11.96 20.09
C ARG D 49 -18.22 13.17 19.75
N ALA D 50 -17.87 14.32 20.31
CA ALA D 50 -18.51 15.58 19.99
C ALA D 50 -17.68 16.28 18.91
N THR D 51 -16.33 16.27 19.02
CA THR D 51 -15.54 16.96 18.02
C THR D 51 -15.73 16.36 16.61
N LEU D 52 -16.12 15.09 16.52
CA LEU D 52 -16.31 14.43 15.22
C LEU D 52 -17.77 14.14 14.89
N HIS D 53 -18.68 14.86 15.55
CA HIS D 53 -20.12 14.77 15.29
C HIS D 53 -20.47 15.91 14.37
N HIS D 54 -21.41 15.69 13.43
CA HIS D 54 -21.72 16.70 12.39
C HIS D 54 -22.20 18.00 13.03
N ARG D 55 -23.18 17.91 13.93
CA ARG D 55 -23.79 19.07 14.55
C ARG D 55 -22.87 19.71 15.54
N ALA D 56 -22.43 18.98 16.58
CA ALA D 56 -21.55 19.58 17.63
C ALA D 56 -20.32 20.27 17.10
N SER D 57 -19.68 19.68 16.07
CA SER D 57 -18.50 20.27 15.39
C SER D 57 -18.81 21.58 14.63
N ALA D 58 -19.88 21.61 13.86
CA ALA D 58 -20.37 22.87 13.28
C ALA D 58 -20.51 23.91 14.41
N LEU D 59 -21.19 23.53 15.51
CA LEU D 59 -21.38 24.48 16.62
C LEU D 59 -20.07 24.86 17.23
N ILE D 60 -19.16 23.89 17.37
CA ILE D 60 -17.80 24.17 17.89
C ILE D 60 -17.07 25.24 17.08
N GLY D 61 -17.09 25.08 15.75
CA GLY D 61 -16.41 26.00 14.84
C GLY D 61 -16.90 27.45 14.94
N ARG D 62 -18.21 27.61 14.97
CA ARG D 62 -18.89 28.89 15.18
C ARG D 62 -18.57 29.51 16.52
N LEU D 63 -18.62 28.74 17.61
CA LEU D 63 -18.45 29.31 18.96
C LEU D 63 -17.00 29.63 19.27
N MET D 64 -16.05 28.83 18.80
CA MET D 64 -14.62 29.22 19.01
C MET D 64 -14.20 30.43 18.15
N ARG D 65 -14.89 30.66 17.01
CA ARG D 65 -14.68 31.88 16.23
C ARG D 65 -15.13 33.15 17.00
N GLU D 66 -16.33 33.11 17.59
CA GLU D 66 -16.84 34.23 18.41
C GLU D 66 -15.97 34.43 19.64
N LEU D 67 -15.67 33.32 20.32
CA LEU D 67 -14.74 33.32 21.50
C LEU D 67 -13.39 33.99 21.23
N THR D 68 -12.93 33.97 19.99
CA THR D 68 -11.60 34.50 19.58
C THR D 68 -11.70 35.63 18.48
N ALA D 69 -12.87 36.26 18.35
CA ALA D 69 -13.09 37.35 17.35
C ALA D 69 -12.16 38.56 17.50
N ASP D 70 -11.82 38.89 18.75
CA ASP D 70 -10.86 39.96 19.00
C ASP D 70 -9.38 39.63 18.70
N TRP D 71 -9.00 38.37 18.63
CA TRP D 71 -7.62 38.04 18.29
C TRP D 71 -7.39 38.00 16.78
N ASP D 72 -6.15 38.19 16.41
CA ASP D 72 -5.79 38.33 15.02
C ASP D 72 -4.88 37.17 14.64
N TYR D 73 -5.42 36.22 13.87
CA TYR D 73 -4.65 35.05 13.46
C TYR D 73 -5.11 34.58 12.10
N SER D 74 -4.15 34.14 11.29
CA SER D 74 -4.47 33.61 9.96
C SER D 74 -4.54 32.07 9.96
N VAL D 75 -3.96 31.40 10.98
CA VAL D 75 -3.92 29.92 11.05
C VAL D 75 -4.34 29.38 12.43
N VAL D 76 -5.03 28.23 12.41
CA VAL D 76 -5.49 27.57 13.63
C VAL D 76 -5.05 26.08 13.66
N GLY D 77 -4.61 25.58 14.82
CA GLY D 77 -4.21 24.17 14.99
C GLY D 77 -3.67 23.81 16.36
N GLY D 78 -3.30 22.54 16.51
CA GLY D 78 -2.69 22.08 17.74
C GLY D 78 -2.15 20.66 17.70
N LEU D 79 -1.93 20.06 18.87
CA LEU D 79 -1.31 18.74 18.97
C LEU D 79 -2.29 17.63 18.58
N THR D 80 -1.93 16.85 17.58
CA THR D 80 -2.74 15.69 17.16
C THR D 80 -2.87 14.63 18.29
N LEU D 81 -4.00 13.89 18.40
CA LEU D 81 -5.25 14.00 17.63
C LEU D 81 -6.23 15.07 18.15
N GLY D 82 -6.12 15.47 19.43
CA GLY D 82 -7.21 16.20 20.10
C GLY D 82 -7.55 17.53 19.46
N ALA D 83 -6.55 18.14 18.85
CA ALA D 83 -6.69 19.45 18.25
C ALA D 83 -7.28 19.45 16.82
N ASP D 84 -6.96 18.45 16.00
CA ASP D 84 -7.29 18.50 14.56
C ASP D 84 -8.75 18.78 14.27
N PRO D 85 -9.67 17.97 14.85
CA PRO D 85 -11.08 18.22 14.56
C PRO D 85 -11.59 19.59 14.98
N VAL D 86 -10.96 20.19 15.99
CA VAL D 86 -11.36 21.50 16.52
C VAL D 86 -10.93 22.57 15.55
N ALA D 87 -9.65 22.53 15.19
CA ALA D 87 -9.00 23.38 14.17
C ALA D 87 -9.70 23.34 12.83
N THR D 88 -10.01 22.16 12.35
CA THR D 88 -10.67 22.12 11.04
C THR D 88 -12.13 22.60 11.13
N ALA D 89 -12.80 22.38 12.28
CA ALA D 89 -14.14 22.95 12.51
C ALA D 89 -14.13 24.51 12.43
N ILE D 90 -13.18 25.13 13.12
CA ILE D 90 -12.97 26.56 13.03
C ILE D 90 -12.71 26.99 11.57
N MET D 91 -11.84 26.24 10.85
CA MET D 91 -11.55 26.57 9.45
C MET D 91 -12.77 26.58 8.53
N HIS D 92 -13.61 25.56 8.66
CA HIS D 92 -14.84 25.41 7.86
C HIS D 92 -16.03 26.27 8.26
N ALA D 93 -16.05 26.76 9.50
CA ALA D 93 -17.18 27.59 9.96
C ALA D 93 -17.24 28.93 9.20
N PRO D 94 -18.44 29.52 9.03
CA PRO D 94 -18.50 30.76 8.19
C PRO D 94 -17.67 31.92 8.77
N GLY D 95 -17.10 32.74 7.88
CA GLY D 95 -16.35 33.94 8.28
C GLY D 95 -15.12 34.22 7.46
N ARG D 96 -14.31 35.12 7.96
CA ARG D 96 -13.08 35.44 7.31
C ARG D 96 -12.27 34.15 7.06
N PRO D 97 -11.36 34.17 6.07
CA PRO D 97 -10.59 32.95 5.81
C PRO D 97 -9.60 32.63 6.92
N ILE D 98 -9.58 31.35 7.36
CA ILE D 98 -8.60 30.89 8.38
C ILE D 98 -8.12 29.50 7.96
N ASP D 99 -6.82 29.34 7.86
CA ASP D 99 -6.24 28.02 7.57
C ASP D 99 -5.86 27.22 8.79
N ALA D 100 -5.47 25.96 8.57
CA ALA D 100 -5.14 25.06 9.68
C ALA D 100 -3.77 24.43 9.60
N PHE D 101 -3.33 23.97 10.76
CA PHE D 101 -2.18 23.12 10.85
C PHE D 101 -2.43 22.08 11.95
N VAL D 102 -1.59 21.05 11.99
CA VAL D 102 -1.58 20.03 13.02
C VAL D 102 -0.12 19.78 13.43
N VAL D 103 0.16 19.86 14.72
CA VAL D 103 1.45 19.51 15.25
C VAL D 103 1.52 18.00 15.51
N ARG D 104 2.59 17.39 15.00
CA ARG D 104 2.84 15.97 15.14
C ARG D 104 3.70 15.72 16.32
N LYS D 105 3.83 14.45 16.70
CA LYS D 105 4.74 14.02 17.75
C LYS D 105 6.10 13.53 17.23
N SER D 106 6.29 13.45 15.91
CA SER D 106 7.59 13.14 15.28
C SER D 106 7.75 13.89 13.95
N ALA D 107 8.98 13.97 13.44
CA ALA D 107 9.29 14.70 12.23
C ALA D 107 8.82 13.97 10.95
N LYS D 108 8.32 14.76 10.01
CA LYS D 108 8.11 14.36 8.61
C LYS D 108 9.44 14.20 7.88
N ALA D 109 9.37 13.60 6.71
CA ALA D 109 10.51 13.52 5.79
C ALA D 109 10.94 14.84 5.11
N HIS D 110 10.02 15.77 4.86
CA HIS D 110 10.29 16.98 4.06
C HIS D 110 9.75 18.28 4.61
N GLY D 111 10.29 19.39 4.11
CA GLY D 111 9.77 20.74 4.35
C GLY D 111 10.49 21.56 5.41
N MET D 112 9.96 22.73 5.69
CA MET D 112 10.57 23.76 6.56
C MET D 112 10.11 23.66 8.02
N GLN D 113 9.10 22.83 8.25
CA GLN D 113 8.42 22.76 9.55
C GLN D 113 7.96 21.32 9.74
N ARG D 114 8.96 20.48 10.04
CA ARG D 114 8.88 19.02 10.02
C ARG D 114 7.94 18.43 11.06
N LEU D 115 7.74 19.14 12.18
CA LEU D 115 6.77 18.78 13.21
C LEU D 115 5.37 19.33 12.98
N ILE D 116 5.16 20.08 11.90
CA ILE D 116 3.90 20.76 11.66
C ILE D 116 3.37 20.45 10.26
N GLU D 117 2.22 19.77 10.23
CA GLU D 117 1.51 19.46 8.99
C GLU D 117 0.56 20.59 8.63
N GLY D 118 0.39 20.79 7.33
CA GLY D 118 -0.63 21.68 6.87
C GLY D 118 -0.05 23.02 6.47
N SER D 119 -0.70 24.08 6.92
CA SER D 119 -0.35 25.42 6.45
C SER D 119 0.96 25.89 7.08
N GLU D 120 1.60 26.84 6.41
CA GLU D 120 2.79 27.51 6.90
C GLU D 120 2.42 28.37 8.10
N VAL D 121 3.20 28.21 9.17
CA VAL D 121 3.05 28.94 10.43
C VAL D 121 4.21 29.92 10.66
N THR D 122 5.32 29.78 9.93
CA THR D 122 6.44 30.75 10.03
C THR D 122 6.02 32.16 9.60
N GLY D 123 6.28 33.13 10.49
CA GLY D 123 5.94 34.52 10.26
C GLY D 123 4.45 34.81 10.36
N GLN D 124 3.65 33.89 10.91
CA GLN D 124 2.19 34.08 10.99
C GLN D 124 1.79 34.20 12.43
N ARG D 125 0.61 34.78 12.59
CA ARG D 125 -0.13 34.78 13.84
C ARG D 125 -1.10 33.58 13.91
N VAL D 126 -1.07 32.90 15.07
CA VAL D 126 -1.61 31.56 15.25
C VAL D 126 -2.52 31.47 16.46
N LEU D 127 -3.68 30.85 16.27
CA LEU D 127 -4.49 30.40 17.39
C LEU D 127 -4.13 28.92 17.62
N VAL D 128 -3.73 28.60 18.83
CA VAL D 128 -3.47 27.24 19.24
C VAL D 128 -4.71 26.77 19.95
N VAL D 129 -5.09 25.55 19.64
CA VAL D 129 -6.39 25.03 20.02
C VAL D 129 -6.24 23.60 20.58
N GLU D 130 -7.20 23.21 21.42
CA GLU D 130 -7.25 21.89 22.09
C GLU D 130 -8.73 21.53 22.22
N ASP D 131 -9.10 20.24 22.31
CA ASP D 131 -10.50 19.91 22.64
C ASP D 131 -10.73 20.08 24.14
N THR D 132 -9.79 19.59 24.95
CA THR D 132 -9.75 19.86 26.39
C THR D 132 -8.40 19.48 26.96
N SER D 133 -8.12 19.96 28.16
CA SER D 133 -6.85 19.70 28.81
C SER D 133 -7.02 19.48 30.32
N THR D 134 -6.21 18.55 30.85
CA THR D 134 -6.01 18.39 32.29
C THR D 134 -4.99 19.42 32.76
N THR D 135 -3.83 19.41 32.11
CA THR D 135 -2.65 20.20 32.53
C THR D 135 -2.27 21.39 31.64
N GLY D 136 -2.60 21.32 30.35
CA GLY D 136 -2.11 22.27 29.34
C GLY D 136 -0.85 21.79 28.61
N ASN D 137 -0.44 20.55 28.83
CA ASN D 137 0.77 19.98 28.23
C ASN D 137 0.70 20.00 26.73
N SER D 138 -0.39 19.46 26.20
CA SER D 138 -0.55 19.33 24.76
C SER D 138 -0.51 20.68 24.06
N ALA D 139 -1.33 21.62 24.54
CA ALA D 139 -1.42 22.96 24.00
C ALA D 139 -0.09 23.65 24.07
N LEU D 140 0.59 23.52 25.20
CA LEU D 140 1.94 24.10 25.33
C LEU D 140 2.94 23.49 24.33
N THR D 141 2.93 22.17 24.15
CA THR D 141 3.76 21.47 23.12
C THR D 141 3.53 22.11 21.77
N ALA D 142 2.25 22.30 21.42
CA ALA D 142 1.82 23.00 20.20
C ALA D 142 2.28 24.45 20.11
N VAL D 143 2.22 25.18 21.22
CA VAL D 143 2.73 26.56 21.29
C VAL D 143 4.25 26.58 21.08
N HIS D 144 4.95 25.70 21.77
CA HIS D 144 6.42 25.63 21.68
C HIS D 144 6.90 25.29 20.29
N ALA D 145 6.31 24.24 19.72
CA ALA D 145 6.61 23.84 18.36
C ALA D 145 6.29 24.91 17.32
N VAL D 146 5.20 25.66 17.50
CA VAL D 146 4.89 26.80 16.61
C VAL D 146 5.96 27.89 16.68
N GLN D 147 6.40 28.17 17.90
CA GLN D 147 7.48 29.13 18.17
C GLN D 147 8.86 28.71 17.61
N ASP D 148 9.19 27.42 17.67
CA ASP D 148 10.44 26.88 17.08
C ASP D 148 10.58 27.18 15.58
N VAL D 149 9.48 27.23 14.84
CA VAL D 149 9.54 27.57 13.40
C VAL D 149 9.13 29.02 13.10
N GLY D 150 9.02 29.86 14.13
CA GLY D 150 8.91 31.30 13.97
C GLY D 150 7.52 31.88 13.75
N GLY D 151 6.55 31.38 14.50
CA GLY D 151 5.19 31.85 14.45
C GLY D 151 4.89 32.41 15.80
N GLU D 152 3.83 33.21 15.86
CA GLU D 152 3.52 33.99 17.03
C GLU D 152 2.14 33.48 17.50
N VAL D 153 2.09 32.93 18.71
CA VAL D 153 0.83 32.43 19.24
C VAL D 153 0.11 33.56 19.96
N VAL D 154 -1.08 33.90 19.50
CA VAL D 154 -1.88 34.97 20.05
C VAL D 154 -2.66 34.54 21.29
N GLY D 155 -2.74 33.22 21.51
CA GLY D 155 -3.57 32.68 22.59
C GLY D 155 -3.89 31.20 22.42
N VAL D 156 -4.66 30.69 23.38
CA VAL D 156 -5.06 29.29 23.40
C VAL D 156 -6.56 29.22 23.74
N ALA D 157 -7.29 28.39 22.99
CA ALA D 157 -8.74 28.17 23.14
C ALA D 157 -9.01 26.71 23.22
N THR D 158 -9.98 26.32 24.05
CA THR D 158 -10.34 24.90 24.26
C THR D 158 -11.86 24.73 24.15
N VAL D 159 -12.33 23.58 23.70
CA VAL D 159 -13.76 23.34 23.77
C VAL D 159 -14.19 23.31 25.25
N VAL D 160 -13.53 22.51 26.10
CA VAL D 160 -13.94 22.35 27.53
C VAL D 160 -12.80 22.61 28.53
N ASP D 161 -13.00 23.54 29.49
CA ASP D 161 -12.07 23.72 30.62
C ASP D 161 -12.41 22.72 31.71
N ARG D 162 -11.43 21.91 32.11
CA ARG D 162 -11.62 20.96 33.22
C ARG D 162 -11.44 21.63 34.60
N ALA D 163 -10.78 22.79 34.63
CA ALA D 163 -10.46 23.54 35.84
C ALA D 163 -9.52 22.70 36.71
N THR D 164 -8.39 22.34 36.13
CA THR D 164 -7.45 21.42 36.74
C THR D 164 -5.98 21.81 36.49
N GLY D 165 -5.71 23.11 36.35
CA GLY D 165 -4.33 23.62 36.19
C GLY D 165 -3.94 24.24 34.85
N ALA D 166 -4.84 24.22 33.88
CA ALA D 166 -4.48 24.47 32.48
C ALA D 166 -4.39 25.95 32.19
N ALA D 167 -5.38 26.71 32.65
CA ALA D 167 -5.38 28.16 32.52
C ALA D 167 -4.15 28.73 33.19
N GLU D 168 -3.79 28.20 34.37
CA GLU D 168 -2.64 28.69 35.16
C GLU D 168 -1.35 28.45 34.40
N ALA D 169 -1.17 27.22 33.93
CA ALA D 169 0.06 26.84 33.21
C ALA D 169 0.23 27.55 31.86
N ILE D 170 -0.90 27.82 31.17
CA ILE D 170 -0.87 28.60 29.93
C ILE D 170 -0.62 30.08 30.29
N GLU D 171 -1.35 30.61 31.28
CA GLU D 171 -1.13 32.02 31.72
C GLU D 171 0.31 32.28 32.20
N ALA D 172 0.95 31.25 32.75
CA ALA D 172 2.39 31.31 33.11
C ALA D 172 3.35 31.64 31.95
N GLU D 173 2.95 31.36 30.71
CA GLU D 173 3.78 31.68 29.54
C GLU D 173 3.31 32.91 28.79
N GLY D 174 2.52 33.76 29.46
CA GLY D 174 2.09 35.03 28.89
C GLY D 174 0.98 34.96 27.83
N LEU D 175 0.11 33.94 27.92
CA LEU D 175 -0.96 33.71 26.94
C LEU D 175 -2.28 33.55 27.67
N ARG D 176 -3.35 34.01 27.01
CA ARG D 176 -4.73 33.87 27.53
C ARG D 176 -5.37 32.53 27.18
N TYR D 177 -6.08 31.93 28.12
CA TYR D 177 -6.76 30.65 27.93
C TYR D 177 -8.22 30.94 27.87
N ARG D 178 -8.89 30.61 26.77
CA ARG D 178 -10.35 30.78 26.70
C ARG D 178 -11.03 29.44 26.47
N SER D 179 -12.31 29.38 26.78
CA SER D 179 -13.03 28.16 26.61
C SER D 179 -14.46 28.44 26.23
N VAL D 180 -15.04 27.52 25.46
CA VAL D 180 -16.47 27.56 25.18
C VAL D 180 -17.26 27.16 26.44
N LEU D 181 -16.92 26.00 27.01
CA LEU D 181 -17.66 25.40 28.09
C LEU D 181 -16.80 25.15 29.31
N GLY D 182 -17.47 25.04 30.46
CA GLY D 182 -16.79 24.78 31.72
C GLY D 182 -17.14 23.41 32.24
N LEU D 183 -16.59 23.10 33.40
CA LEU D 183 -16.86 21.85 34.08
C LEU D 183 -18.34 21.77 34.40
N ALA D 184 -18.96 22.91 34.72
CA ALA D 184 -20.37 22.96 35.09
C ALA D 184 -21.37 22.66 33.93
N ASP D 185 -20.91 22.77 32.69
CA ASP D 185 -21.79 22.53 31.56
C ASP D 185 -21.91 21.05 31.26
N LEU D 186 -21.00 20.24 31.80
CA LEU D 186 -21.11 18.78 31.68
C LEU D 186 -22.08 18.15 32.71
N GLY D 187 -22.38 18.89 33.78
CA GLY D 187 -23.25 18.40 34.83
C GLY D 187 -22.56 17.36 35.69
N LEU D 188 -21.39 17.72 36.21
CA LEU D 188 -20.58 16.84 37.08
C LEU D 188 -20.58 17.34 38.53
O11 6ZJ E . 17.20 -26.78 2.39
O12 6ZJ E . 18.17 -28.25 4.18
C10 6ZJ E . 17.28 -28.13 3.03
O13 6ZJ E . 15.72 -29.42 -0.32
O14 6ZJ E . 19.26 -26.67 0.59
C01 6ZJ E . 14.06 -28.81 1.51
C02 6ZJ E . 14.02 -27.94 0.13
O03 6ZJ E . 15.08 -27.44 -0.74
FE 6ZJ E . 17.09 -27.23 0.27
O05 6ZJ E . 17.64 -29.42 0.44
C06 6ZJ E . 16.34 -30.02 0.80
O08 6ZJ E . 14.57 -30.92 2.67
C09 6ZJ E . 16.17 -29.26 3.21
C15 6ZJ E . 19.33 -25.25 0.17
O17 6ZJ E . 19.56 -23.43 -1.74
C18 6ZJ E . 17.24 -24.39 -1.42
C19 6ZJ E . 15.97 -24.67 -0.40
O20 6ZJ E . 15.91 -25.42 0.87
O21 6ZJ E . 14.71 -24.92 -1.14
C22 6ZJ E . 19.23 -25.78 -2.27
C23 6ZJ E . 18.44 -27.15 -2.28
O24 6ZJ E . 17.08 -27.38 -1.94
O25 6ZJ E . 19.12 -28.17 -3.14
O26 6ZJ E . 19.14 -24.35 1.38
O27 6ZJ E . 12.80 -27.12 -0.07
C1 6ZJ E . 18.85 -24.62 -1.26
C2 6ZJ E . 15.26 -29.79 2.01
O11 6ZJ F . 4.78 8.58 4.32
O12 6ZJ F . 5.68 6.69 5.67
C10 6ZJ F . 4.64 7.21 4.76
O13 6ZJ F . 2.26 5.83 0.74
O14 6ZJ F . 6.84 7.53 2.45
C01 6ZJ F . 2.11 8.12 3.61
C02 6ZJ F . 2.18 9.35 2.55
O03 6ZJ F . 2.98 9.41 1.34
FE 6ZJ F . 4.75 8.28 2.13
O05 6ZJ F . 4.45 6.11 1.69
C06 6ZJ F . 3.05 6.01 2.01
O08 6ZJ F . 1.09 5.88 3.75
C09 6ZJ F . 3.49 6.15 4.44
C15 6ZJ F . 7.70 8.67 2.14
O17 6ZJ F . 9.20 10.35 0.88
C18 6ZJ F . 7.49 8.74 -0.38
C19 6ZJ F . 6.03 8.05 -0.56
O20 6ZJ F . 4.64 8.27 -0.09
O21 6ZJ F . 6.04 7.34 -1.84
C22 6ZJ F . 6.81 10.81 1.01
C23 6ZJ F . 5.93 11.06 2.28
O24 6ZJ F . 4.92 10.31 3.01
O25 6ZJ F . 6.83 11.60 3.28
O26 6ZJ F . 8.21 9.23 3.40
O27 6ZJ F . 2.33 10.64 3.26
C1 6ZJ F . 7.88 9.65 0.89
C2 6ZJ F . 2.35 6.52 3.40
#